data_7E5N
#
_entry.id   7E5N
#
_cell.length_a   145.144
_cell.length_b   145.144
_cell.length_c   217.716
_cell.angle_alpha   90.00
_cell.angle_beta   90.00
_cell.angle_gamma   90.00
#
_symmetry.space_group_name_H-M   'P 43 2 2'
#
_entity_poly.entity_id   1
_entity_poly.type   'polypeptide(L)'
_entity_poly.pdbx_seq_one_letter_code
;MARGPGLAPPPLRLPLLLLVLAAVTGHTAAQDNCTCPTNKMTVCSPDGPGGRCQCRALGSGMAVDCSTLTSKCLLLKARM
SAPKNARTLVRPSEHALVDNDGLYDPDCDPEGRFKARQCNQTSVCWCVNSVGVRRTDKGDLSLRCDELVRTHHILIDLRH
RPTAGAFNHSDLDAELRRLFRERYRLHPKFVAAVHYEQPTIQIELRQNTSQKAAGDVDIGDAAYYFERDIKGESLFQGRG
GLDLRVRGEPLQVERTLIYYLDEIPPKFSMKRLTAGLIAVIVVVVVALVAGMAVLVITNRRKSGKYKKVEIKELGELRKE
PSL
;
_entity_poly.pdbx_strand_id   A,B,C,D
#
# COMPACT_ATOMS: atom_id res chain seq x y z
N ASP A 32 -28.93 3.12 -1.56
CA ASP A 32 -29.66 2.61 -2.71
C ASP A 32 -29.12 1.25 -3.14
N ASN A 33 -27.93 1.25 -3.75
CA ASN A 33 -27.31 0.01 -4.20
C ASN A 33 -25.81 0.25 -4.37
N CYS A 34 -25.01 -0.56 -3.70
CA CYS A 34 -23.55 -0.40 -3.70
C CYS A 34 -22.98 -0.96 -5.00
N THR A 35 -22.79 -0.09 -5.99
CA THR A 35 -22.07 -0.44 -7.19
C THR A 35 -20.86 0.48 -7.37
N CYS A 36 -19.79 -0.08 -7.94
CA CYS A 36 -18.63 0.67 -8.41
C CYS A 36 -18.57 0.48 -9.92
N PRO A 37 -19.42 1.17 -10.68
CA PRO A 37 -19.63 0.79 -12.08
C PRO A 37 -18.41 1.00 -12.98
N THR A 38 -17.45 1.82 -12.57
CA THR A 38 -16.25 2.01 -13.37
C THR A 38 -15.12 1.05 -13.01
N ASN A 39 -15.25 0.29 -11.93
CA ASN A 39 -14.24 -0.71 -11.57
C ASN A 39 -14.95 -1.87 -10.87
N LYS A 40 -15.23 -2.93 -11.62
CA LYS A 40 -15.81 -4.14 -11.04
C LYS A 40 -14.86 -4.80 -10.03
N MET A 41 -13.56 -4.54 -10.13
CA MET A 41 -12.58 -5.21 -9.29
C MET A 41 -12.46 -4.45 -7.96
N THR A 42 -13.57 -4.44 -7.23
CA THR A 42 -13.67 -3.72 -5.96
C THR A 42 -14.49 -4.55 -4.98
N VAL A 43 -14.70 -3.99 -3.79
CA VAL A 43 -15.55 -4.58 -2.76
C VAL A 43 -16.30 -3.43 -2.11
N CYS A 44 -17.61 -3.36 -2.32
CA CYS A 44 -18.41 -2.34 -1.65
C CYS A 44 -19.36 -3.02 -0.65
N SER A 45 -19.99 -2.17 0.17
CA SER A 45 -21.01 -2.59 1.14
C SER A 45 -21.64 -1.36 1.78
N PRO A 46 -22.88 -1.47 2.28
CA PRO A 46 -23.54 -0.33 2.95
C PRO A 46 -23.21 -0.27 4.44
N ASP A 47 -21.91 -0.23 4.76
CA ASP A 47 -21.44 -0.38 6.13
C ASP A 47 -20.86 0.91 6.71
N GLY A 48 -21.13 2.05 6.07
CA GLY A 48 -20.59 3.31 6.53
C GLY A 48 -21.60 4.15 7.28
N PRO A 49 -21.18 5.35 7.72
CA PRO A 49 -22.06 6.21 8.55
C PRO A 49 -23.47 6.34 7.99
N GLY A 50 -24.44 5.90 8.77
CA GLY A 50 -25.83 5.84 8.35
C GLY A 50 -26.00 5.13 7.03
N GLY A 51 -25.49 3.90 6.94
CA GLY A 51 -25.67 3.09 5.75
C GLY A 51 -24.73 3.42 4.60
N ARG A 52 -23.97 4.51 4.69
CA ARG A 52 -23.09 4.98 3.61
C ARG A 52 -22.36 3.84 2.92
N CYS A 53 -22.46 3.81 1.60
CA CYS A 53 -21.76 2.81 0.79
C CYS A 53 -20.26 3.06 0.84
N GLN A 54 -19.53 2.23 1.56
CA GLN A 54 -18.08 2.16 1.41
C GLN A 54 -17.73 1.18 0.30
N CYS A 55 -16.56 1.38 -0.29
CA CYS A 55 -16.11 0.56 -1.41
C CYS A 55 -14.63 0.76 -1.61
N ARG A 56 -13.91 -0.35 -1.82
CA ARG A 56 -12.46 -0.35 -1.83
C ARG A 56 -11.96 -1.26 -2.95
N ALA A 57 -10.68 -1.11 -3.27
CA ALA A 57 -10.08 -1.76 -4.42
C ALA A 57 -9.59 -3.15 -4.04
N LEU A 58 -10.07 -4.16 -4.76
CA LEU A 58 -9.65 -5.54 -4.53
C LEU A 58 -8.13 -5.65 -4.61
N GLY A 59 -7.55 -6.32 -3.63
CA GLY A 59 -6.13 -6.60 -3.63
C GLY A 59 -5.31 -5.46 -3.05
N SER A 60 -5.32 -4.32 -3.75
CA SER A 60 -4.69 -3.11 -3.25
C SER A 60 -5.21 -2.72 -1.87
N GLY A 61 -6.50 -2.93 -1.62
CA GLY A 61 -7.13 -2.30 -0.46
C GLY A 61 -7.25 -0.81 -0.54
N MET A 62 -6.89 -0.21 -1.68
CA MET A 62 -6.84 1.24 -1.85
C MET A 62 -8.23 1.80 -2.16
N ALA A 63 -8.38 3.09 -1.95
CA ALA A 63 -9.62 3.78 -2.26
C ALA A 63 -9.79 3.94 -3.76
N VAL A 64 -11.06 3.99 -4.19
CA VAL A 64 -11.42 3.99 -5.60
C VAL A 64 -12.46 5.05 -5.86
N ASP A 65 -12.33 5.72 -7.00
CA ASP A 65 -13.31 6.71 -7.46
C ASP A 65 -14.23 5.98 -8.44
N CYS A 66 -15.43 5.65 -7.98
CA CYS A 66 -16.39 4.87 -8.75
C CYS A 66 -17.11 5.72 -9.79
N SER A 67 -16.65 6.94 -10.02
CA SER A 67 -17.23 7.83 -11.02
C SER A 67 -16.34 8.05 -12.22
N THR A 68 -15.10 7.55 -12.20
CA THR A 68 -14.23 7.59 -13.36
C THR A 68 -13.35 6.34 -13.35
N LEU A 69 -12.42 6.30 -14.31
CA LEU A 69 -11.53 5.16 -14.43
C LEU A 69 -10.60 5.05 -13.22
N THR A 70 -10.12 3.84 -12.98
CA THR A 70 -9.17 3.58 -11.91
C THR A 70 -7.78 3.41 -12.53
N SER A 71 -6.76 3.87 -11.81
CA SER A 71 -5.39 3.79 -12.33
C SER A 71 -5.02 2.35 -12.65
N LYS A 72 -4.28 2.18 -13.76
CA LYS A 72 -3.78 0.86 -14.16
C LYS A 72 -3.16 0.11 -12.99
N CYS A 73 -2.32 0.78 -12.21
CA CYS A 73 -1.62 0.14 -11.10
C CYS A 73 -2.60 -0.52 -10.13
N LEU A 74 -3.54 0.26 -9.60
CA LEU A 74 -4.58 -0.27 -8.73
C LEU A 74 -5.33 -1.44 -9.35
N LEU A 75 -5.36 -1.53 -10.68
CA LEU A 75 -6.03 -2.62 -11.37
C LEU A 75 -5.11 -3.81 -11.59
N LEU A 76 -3.82 -3.56 -11.84
CA LEU A 76 -2.85 -4.65 -11.89
C LEU A 76 -2.75 -5.36 -10.54
N LYS A 77 -2.69 -4.59 -9.45
CA LYS A 77 -2.71 -5.18 -8.11
C LYS A 77 -3.93 -6.05 -7.91
N ALA A 78 -5.09 -5.60 -8.41
CA ALA A 78 -6.33 -6.36 -8.24
C ALA A 78 -6.33 -7.64 -9.06
N ARG A 79 -5.64 -7.64 -10.20
CA ARG A 79 -5.66 -8.82 -11.08
C ARG A 79 -5.10 -10.06 -10.38
N MET A 80 -3.87 -9.99 -9.87
CA MET A 80 -3.24 -11.23 -9.40
C MET A 80 -3.81 -11.65 -8.05
N SER A 81 -3.65 -10.81 -7.04
CA SER A 81 -4.54 -10.54 -5.91
C SER A 81 -4.61 -11.62 -4.83
N ALA A 82 -3.94 -12.78 -4.99
CA ALA A 82 -3.61 -13.67 -3.87
C ALA A 82 -4.77 -13.93 -2.92
N PRO A 83 -5.85 -14.61 -3.32
CA PRO A 83 -7.04 -14.68 -2.46
C PRO A 83 -6.70 -15.05 -1.02
N LYS A 84 -7.45 -14.46 -0.09
CA LYS A 84 -6.96 -14.28 1.27
C LYS A 84 -6.67 -15.61 1.97
N ASN A 85 -7.69 -16.43 2.16
CA ASN A 85 -7.53 -17.82 2.58
C ASN A 85 -8.01 -18.70 1.43
N ALA A 86 -7.06 -19.28 0.69
CA ALA A 86 -7.43 -20.07 -0.49
C ALA A 86 -8.47 -21.13 -0.15
N ARG A 87 -8.13 -22.04 0.76
CA ARG A 87 -8.99 -22.83 1.64
C ARG A 87 -9.79 -23.99 1.06
N THR A 88 -9.81 -24.22 -0.25
CA THR A 88 -9.51 -25.52 -0.83
C THR A 88 -8.47 -25.38 -1.93
N LEU A 89 -7.97 -24.17 -2.13
CA LEU A 89 -7.37 -23.78 -3.39
C LEU A 89 -5.91 -24.15 -3.42
N VAL A 90 -5.31 -24.00 -4.58
CA VAL A 90 -3.89 -24.24 -4.74
C VAL A 90 -3.28 -22.95 -5.28
N ARG A 91 -2.04 -22.73 -4.90
CA ARG A 91 -1.30 -21.53 -5.27
C ARG A 91 -0.40 -21.85 -6.45
N PRO A 92 -0.22 -20.90 -7.38
CA PRO A 92 0.66 -21.16 -8.51
C PRO A 92 2.06 -21.48 -8.02
N SER A 93 2.70 -22.44 -8.67
CA SER A 93 3.98 -22.94 -8.21
C SER A 93 5.06 -21.88 -8.37
N GLU A 94 6.02 -21.89 -7.44
CA GLU A 94 7.22 -21.07 -7.50
C GLU A 94 7.81 -21.06 -8.91
N HIS A 95 7.81 -22.22 -9.57
CA HIS A 95 8.42 -22.36 -10.88
C HIS A 95 7.43 -22.23 -12.03
N ALA A 96 6.12 -22.18 -11.74
CA ALA A 96 5.15 -21.96 -12.80
C ALA A 96 5.39 -20.59 -13.45
N LEU A 97 4.99 -20.50 -14.72
CA LEU A 97 5.12 -19.28 -15.50
C LEU A 97 3.85 -19.06 -16.32
N VAL A 98 3.61 -17.80 -16.66
CA VAL A 98 2.40 -17.39 -17.35
C VAL A 98 2.74 -16.97 -18.78
N ASP A 99 1.69 -16.74 -19.58
CA ASP A 99 1.88 -16.37 -20.97
C ASP A 99 2.55 -15.01 -21.11
N ASN A 100 2.30 -14.10 -20.17
CA ASN A 100 2.79 -12.73 -20.26
C ASN A 100 3.89 -12.54 -19.21
N ASP A 101 5.13 -12.43 -19.68
CA ASP A 101 6.24 -12.04 -18.81
C ASP A 101 5.92 -10.78 -18.04
N GLY A 102 5.39 -9.77 -18.72
CA GLY A 102 5.24 -8.45 -18.14
C GLY A 102 4.22 -8.34 -17.03
N LEU A 103 3.24 -9.25 -17.00
CA LEU A 103 2.30 -9.30 -15.88
C LEU A 103 3.05 -9.44 -14.56
N TYR A 104 2.59 -8.70 -13.54
CA TYR A 104 3.21 -8.73 -12.23
C TYR A 104 2.38 -7.88 -11.27
N ASP A 105 2.58 -8.12 -9.97
CA ASP A 105 1.90 -7.36 -8.92
C ASP A 105 2.71 -6.11 -8.61
N PRO A 106 2.24 -4.92 -8.98
CA PRO A 106 3.02 -3.70 -8.78
C PRO A 106 2.76 -3.04 -7.45
N ASP A 107 3.63 -2.08 -7.11
CA ASP A 107 3.45 -1.22 -5.95
C ASP A 107 3.05 0.17 -6.41
N CYS A 108 1.95 0.68 -5.87
CA CYS A 108 1.38 1.96 -6.27
C CYS A 108 1.57 2.99 -5.16
N ASP A 109 1.83 4.23 -5.57
CA ASP A 109 2.01 5.34 -4.63
C ASP A 109 0.64 5.76 -4.11
N PRO A 110 0.58 6.72 -3.18
CA PRO A 110 -0.74 7.11 -2.62
C PRO A 110 -1.65 7.79 -3.62
N GLU A 111 -1.15 8.23 -4.78
CA GLU A 111 -2.03 8.75 -5.83
C GLU A 111 -2.56 7.65 -6.74
N GLY A 112 -2.07 6.41 -6.60
CA GLY A 112 -2.55 5.29 -7.37
C GLY A 112 -1.76 5.01 -8.64
N ARG A 113 -0.81 5.85 -9.00
CA ARG A 113 0.05 5.59 -10.14
C ARG A 113 1.22 4.69 -9.74
N PHE A 114 1.79 4.01 -10.72
CA PHE A 114 2.94 3.14 -10.48
C PHE A 114 4.05 3.91 -9.77
N LYS A 115 4.56 3.33 -8.69
CA LYS A 115 5.86 3.72 -8.19
C LYS A 115 6.91 3.53 -9.27
N ALA A 116 7.84 4.48 -9.37
CA ALA A 116 8.83 4.44 -10.43
C ALA A 116 9.66 3.16 -10.38
N ARG A 117 9.97 2.69 -9.18
CA ARG A 117 10.76 1.48 -8.96
C ARG A 117 9.87 0.31 -8.57
N GLN A 118 10.12 -0.87 -9.16
CA GLN A 118 9.28 -2.04 -8.95
C GLN A 118 10.17 -3.26 -8.75
N CYS A 119 10.32 -3.68 -7.51
CA CYS A 119 10.98 -4.92 -7.18
C CYS A 119 9.90 -5.99 -6.93
N ASN A 120 9.98 -7.16 -7.57
CA ASN A 120 9.14 -8.27 -7.16
C ASN A 120 9.94 -9.44 -6.60
N GLN A 121 10.91 -9.92 -7.37
CA GLN A 121 11.85 -10.93 -6.92
C GLN A 121 12.56 -10.47 -5.65
N THR A 122 13.07 -11.46 -4.89
CA THR A 122 13.83 -11.20 -3.68
C THR A 122 14.78 -10.01 -3.80
N SER A 123 15.63 -10.01 -4.82
CA SER A 123 16.65 -8.97 -4.94
C SER A 123 16.77 -8.45 -6.36
N VAL A 124 15.68 -8.45 -7.12
CA VAL A 124 15.67 -7.90 -8.48
C VAL A 124 14.74 -6.69 -8.52
N CYS A 125 15.28 -5.54 -8.92
CA CYS A 125 14.50 -4.33 -9.09
C CYS A 125 14.59 -3.79 -10.53
N TRP A 126 13.65 -2.92 -10.86
CA TRP A 126 13.70 -2.20 -12.11
C TRP A 126 12.94 -0.88 -11.97
N CYS A 127 13.11 -0.03 -12.99
CA CYS A 127 12.30 1.17 -13.14
C CYS A 127 11.20 0.94 -14.17
N VAL A 128 10.06 1.61 -13.97
CA VAL A 128 8.94 1.54 -14.91
C VAL A 128 8.60 2.95 -15.39
N ASN A 129 7.77 2.99 -16.44
CA ASN A 129 7.15 4.20 -16.93
C ASN A 129 5.71 4.31 -16.39
N SER A 130 5.10 5.47 -16.63
CA SER A 130 3.74 5.75 -16.16
C SER A 130 2.77 4.62 -16.43
N VAL A 131 2.98 3.86 -17.52
CA VAL A 131 2.07 2.76 -17.87
C VAL A 131 2.49 1.45 -17.21
N GLY A 132 3.66 1.40 -16.57
CA GLY A 132 4.05 0.26 -15.77
C GLY A 132 5.01 -0.71 -16.40
N VAL A 133 5.27 -0.60 -17.70
CA VAL A 133 6.19 -1.54 -18.35
C VAL A 133 7.64 -1.12 -18.08
N ARG A 134 8.55 -2.09 -18.23
CA ARG A 134 9.92 -1.93 -17.76
C ARG A 134 10.72 -1.01 -18.67
N ARG A 135 11.42 -0.04 -18.07
CA ARG A 135 12.21 0.94 -18.80
C ARG A 135 13.71 0.71 -18.73
N THR A 136 14.19 -0.14 -17.83
CA THR A 136 15.61 -0.26 -17.57
C THR A 136 16.02 -1.72 -17.46
N ASP A 137 17.33 -1.94 -17.36
CA ASP A 137 17.83 -3.28 -17.05
C ASP A 137 17.52 -3.62 -15.61
N LYS A 138 17.13 -4.88 -15.37
CA LYS A 138 16.87 -5.35 -14.02
C LYS A 138 18.09 -5.08 -13.13
N GLY A 139 17.83 -4.92 -11.84
CA GLY A 139 18.88 -4.51 -10.93
C GLY A 139 18.87 -5.17 -9.57
N ASP A 140 19.51 -4.51 -8.61
CA ASP A 140 19.58 -4.93 -7.22
C ASP A 140 18.85 -3.91 -6.34
N LEU A 141 18.76 -4.22 -5.05
CA LEU A 141 17.98 -3.41 -4.12
C LEU A 141 18.65 -2.09 -3.74
N SER A 142 19.76 -1.75 -4.39
CA SER A 142 20.38 -0.44 -4.28
C SER A 142 19.95 0.50 -5.40
N LEU A 143 19.04 0.06 -6.27
CA LEU A 143 18.68 0.81 -7.46
C LEU A 143 17.98 2.12 -7.12
N ARG A 144 18.18 3.12 -7.98
CA ARG A 144 17.53 4.42 -7.85
C ARG A 144 16.79 4.73 -9.14
N CYS A 145 15.47 4.88 -9.04
CA CYS A 145 14.65 5.40 -10.13
C CYS A 145 14.23 6.81 -9.72
N ASP A 146 14.76 7.81 -10.43
CA ASP A 146 14.66 9.19 -9.96
C ASP A 146 13.28 9.78 -10.24
N GLU A 147 12.78 9.61 -11.45
CA GLU A 147 11.45 10.09 -11.81
C GLU A 147 10.67 8.97 -12.48
N LEU A 148 9.35 9.09 -12.38
CA LEU A 148 8.43 8.18 -13.06
C LEU A 148 8.24 8.70 -14.48
N VAL A 149 9.00 8.14 -15.42
CA VAL A 149 8.98 8.63 -16.79
C VAL A 149 7.60 8.46 -17.39
N ARG A 150 7.14 9.50 -18.09
CA ARG A 150 5.77 9.53 -18.61
C ARG A 150 5.69 8.86 -19.97
N THR A 151 4.75 7.93 -20.12
CA THR A 151 4.32 7.46 -21.43
C THR A 151 3.36 8.49 -22.03
N HIS A 152 3.72 9.06 -23.17
CA HIS A 152 2.94 10.14 -23.77
C HIS A 152 2.27 9.75 -25.08
N HIS A 153 2.83 8.80 -25.82
CA HIS A 153 2.20 8.28 -27.03
C HIS A 153 1.94 6.79 -26.86
N ILE A 154 0.76 6.35 -27.28
CA ILE A 154 0.40 4.93 -27.28
C ILE A 154 -0.13 4.57 -28.66
N LEU A 155 0.25 3.38 -29.13
CA LEU A 155 -0.19 2.85 -30.42
C LEU A 155 -0.87 1.51 -30.20
N ILE A 156 -2.16 1.44 -30.51
CA ILE A 156 -2.95 0.23 -30.31
C ILE A 156 -3.21 -0.38 -31.68
N ASP A 157 -2.69 -1.59 -31.89
CA ASP A 157 -2.66 -2.23 -33.21
C ASP A 157 -3.59 -3.45 -33.17
N LEU A 158 -4.85 -3.24 -33.50
CA LEU A 158 -5.84 -4.30 -33.59
C LEU A 158 -5.83 -4.97 -34.97
N ARG A 159 -6.23 -6.24 -35.00
CA ARG A 159 -6.54 -6.93 -36.25
C ARG A 159 -7.84 -7.72 -36.05
N HIS A 160 -8.76 -7.57 -37.00
CA HIS A 160 -10.12 -8.08 -36.88
C HIS A 160 -10.36 -9.25 -37.83
N ARG A 161 -11.05 -10.27 -37.33
CA ARG A 161 -11.38 -11.46 -38.10
C ARG A 161 -12.11 -11.07 -39.39
N PRO A 162 -11.56 -11.39 -40.56
CA PRO A 162 -12.04 -10.79 -41.82
C PRO A 162 -13.54 -10.98 -42.05
N THR A 163 -14.16 -9.94 -42.58
CA THR A 163 -15.45 -10.00 -43.23
C THR A 163 -15.24 -10.00 -44.74
N ALA A 164 -16.33 -10.26 -45.48
CA ALA A 164 -16.23 -10.38 -46.94
C ALA A 164 -15.43 -9.23 -47.55
N GLY A 165 -15.63 -8.02 -47.05
CA GLY A 165 -14.74 -6.92 -47.39
C GLY A 165 -14.24 -6.17 -46.17
N ALA A 166 -13.78 -4.95 -46.38
CA ALA A 166 -13.41 -4.04 -45.31
C ALA A 166 -14.58 -3.12 -45.00
N PHE A 167 -14.35 -2.13 -44.13
CA PHE A 167 -15.32 -1.08 -43.86
C PHE A 167 -14.81 0.24 -44.42
N ASN A 168 -15.62 1.28 -44.22
CA ASN A 168 -15.21 2.65 -44.57
C ASN A 168 -14.42 3.24 -43.40
N HIS A 169 -13.17 3.61 -43.67
CA HIS A 169 -12.32 4.27 -42.68
C HIS A 169 -13.08 5.34 -41.91
N SER A 170 -13.82 6.18 -42.62
CA SER A 170 -14.69 7.19 -42.02
C SER A 170 -15.48 6.64 -40.84
N ASP A 171 -16.25 5.57 -41.07
CA ASP A 171 -17.10 5.02 -40.02
C ASP A 171 -16.29 4.42 -38.89
N LEU A 172 -15.05 4.00 -39.17
CA LEU A 172 -14.21 3.42 -38.12
C LEU A 172 -13.67 4.52 -37.20
N ASP A 173 -12.94 5.48 -37.77
CA ASP A 173 -12.51 6.68 -37.05
C ASP A 173 -13.62 7.24 -36.18
N ALA A 174 -14.79 7.49 -36.79
CA ALA A 174 -15.97 7.95 -36.06
C ALA A 174 -16.23 7.10 -34.82
N GLU A 175 -16.30 5.78 -34.99
CA GLU A 175 -16.74 4.90 -33.91
C GLU A 175 -15.67 4.76 -32.84
N LEU A 176 -14.43 4.48 -33.25
CA LEU A 176 -13.34 4.36 -32.29
C LEU A 176 -13.15 5.64 -31.49
N ARG A 177 -13.23 6.80 -32.15
CA ARG A 177 -13.14 8.06 -31.44
C ARG A 177 -14.34 8.27 -30.52
N ARG A 178 -15.51 7.75 -30.90
CA ARG A 178 -16.67 7.82 -30.03
C ARG A 178 -16.49 6.98 -28.77
N LEU A 179 -15.76 5.86 -28.88
CA LEU A 179 -15.66 4.94 -27.75
C LEU A 179 -14.78 5.52 -26.66
N PHE A 180 -13.55 5.92 -27.01
CA PHE A 180 -12.69 6.65 -26.08
C PHE A 180 -13.39 7.88 -25.51
N ARG A 181 -14.29 8.49 -26.29
CA ARG A 181 -14.91 9.76 -25.89
C ARG A 181 -16.00 9.54 -24.84
N GLU A 182 -16.88 8.57 -25.06
CA GLU A 182 -17.99 8.27 -24.18
C GLU A 182 -17.64 7.21 -23.15
N ARG A 183 -17.21 6.04 -23.63
CA ARG A 183 -17.02 4.89 -22.75
C ARG A 183 -15.79 5.07 -21.85
N TYR A 184 -14.64 5.31 -22.46
CA TYR A 184 -13.38 5.44 -21.72
C TYR A 184 -13.14 6.87 -21.22
N ARG A 185 -14.12 7.75 -21.38
CA ARG A 185 -14.12 9.09 -20.78
C ARG A 185 -12.81 9.85 -21.06
N LEU A 186 -12.29 9.69 -22.27
CA LEU A 186 -11.03 10.28 -22.67
C LEU A 186 -11.32 11.44 -23.63
N HIS A 187 -10.87 12.63 -23.24
CA HIS A 187 -11.16 13.86 -23.98
C HIS A 187 -10.75 13.71 -25.44
N PRO A 188 -11.62 14.06 -26.39
CA PRO A 188 -11.35 13.74 -27.80
C PRO A 188 -10.07 14.35 -28.36
N LYS A 189 -9.45 15.30 -27.65
CA LYS A 189 -8.20 15.87 -28.14
C LYS A 189 -7.04 14.89 -28.03
N PHE A 190 -7.16 13.86 -27.20
CA PHE A 190 -6.04 12.96 -26.93
C PHE A 190 -6.03 11.74 -27.83
N VAL A 191 -6.96 11.61 -28.77
CA VAL A 191 -6.91 10.57 -29.79
C VAL A 191 -6.26 11.20 -31.00
N ALA A 192 -4.93 11.10 -31.07
CA ALA A 192 -4.16 11.69 -32.17
C ALA A 192 -4.73 11.32 -33.54
N ALA A 193 -4.90 10.02 -33.79
CA ALA A 193 -5.21 9.57 -35.14
C ALA A 193 -5.85 8.19 -35.08
N VAL A 194 -6.60 7.87 -36.14
CA VAL A 194 -7.08 6.52 -36.40
C VAL A 194 -6.71 6.17 -37.84
N HIS A 195 -6.04 5.04 -38.01
CA HIS A 195 -5.63 4.55 -39.32
C HIS A 195 -6.31 3.24 -39.62
N TYR A 196 -6.62 3.00 -40.89
CA TYR A 196 -7.32 1.79 -41.28
C TYR A 196 -6.91 1.36 -42.68
N GLU A 197 -6.65 0.07 -42.82
CA GLU A 197 -6.21 -0.56 -44.05
C GLU A 197 -6.99 -1.87 -44.17
N GLN A 198 -6.60 -2.71 -45.12
CA GLN A 198 -6.99 -4.10 -45.02
C GLN A 198 -6.51 -4.61 -43.66
N PRO A 199 -7.05 -5.73 -43.17
CA PRO A 199 -7.79 -5.70 -41.90
C PRO A 199 -7.21 -4.86 -40.76
N THR A 200 -5.89 -4.72 -40.66
CA THR A 200 -5.28 -4.29 -39.40
C THR A 200 -5.55 -2.81 -39.13
N ILE A 201 -6.19 -2.52 -37.96
CA ILE A 201 -6.58 -1.21 -37.46
C ILE A 201 -5.50 -0.62 -36.56
N GLN A 202 -5.44 0.71 -36.47
CA GLN A 202 -4.47 1.39 -35.62
C GLN A 202 -5.09 2.63 -34.98
N ILE A 203 -4.78 2.83 -33.70
CA ILE A 203 -5.27 3.96 -32.91
C ILE A 203 -4.09 4.61 -32.21
N GLU A 204 -3.83 5.89 -32.50
CA GLU A 204 -2.79 6.64 -31.82
C GLU A 204 -3.40 7.51 -30.72
N LEU A 205 -2.77 7.50 -29.55
CA LEU A 205 -3.11 8.36 -28.44
C LEU A 205 -1.92 9.24 -28.09
N ARG A 206 -2.17 10.52 -27.83
CA ARG A 206 -1.11 11.46 -27.48
C ARG A 206 -1.53 12.27 -26.27
N GLN A 207 -0.74 12.21 -25.20
CA GLN A 207 -0.98 13.02 -24.01
C GLN A 207 0.37 13.32 -23.37
N ASN A 208 0.92 14.51 -23.63
CA ASN A 208 2.06 14.97 -22.86
C ASN A 208 1.64 15.23 -21.41
N THR A 209 2.62 15.55 -20.57
CA THR A 209 2.29 15.99 -19.23
C THR A 209 1.87 17.46 -19.19
N SER A 210 2.23 18.23 -20.22
CA SER A 210 1.79 19.62 -20.29
C SER A 210 0.28 19.74 -20.47
N GLN A 211 -0.30 18.81 -21.22
CA GLN A 211 -1.70 18.92 -21.63
C GLN A 211 -2.67 18.17 -20.73
N LYS A 212 -2.20 17.55 -19.64
CA LYS A 212 -3.09 16.85 -18.73
C LYS A 212 -3.58 17.82 -17.68
N ALA A 213 -4.87 18.17 -17.73
CA ALA A 213 -5.46 19.08 -16.76
C ALA A 213 -5.78 18.34 -15.47
N ALA A 214 -6.46 19.03 -14.54
CA ALA A 214 -7.06 18.37 -13.39
C ALA A 214 -8.00 17.26 -13.84
N GLY A 215 -7.79 16.07 -13.30
CA GLY A 215 -8.65 14.92 -13.50
C GLY A 215 -9.00 14.56 -14.93
N ASP A 216 -8.20 14.99 -15.90
CA ASP A 216 -8.18 14.31 -17.18
C ASP A 216 -7.79 12.85 -16.97
N VAL A 217 -8.57 11.92 -17.50
CA VAL A 217 -8.14 10.53 -17.46
C VAL A 217 -6.84 10.41 -18.23
N ASP A 218 -5.95 9.54 -17.76
CA ASP A 218 -4.72 9.29 -18.49
C ASP A 218 -4.99 8.43 -19.72
N ILE A 219 -4.09 8.52 -20.70
CA ILE A 219 -4.20 7.65 -21.86
C ILE A 219 -3.77 6.24 -21.52
N GLY A 220 -2.76 6.10 -20.66
CA GLY A 220 -2.40 4.79 -20.13
C GLY A 220 -3.59 4.05 -19.54
N ASP A 221 -4.45 4.77 -18.82
CA ASP A 221 -5.61 4.13 -18.20
C ASP A 221 -6.68 3.80 -19.24
N ALA A 222 -7.08 4.79 -20.03
CA ALA A 222 -8.00 4.56 -21.15
C ALA A 222 -7.56 3.35 -21.99
N ALA A 223 -6.28 3.30 -22.36
CA ALA A 223 -5.77 2.19 -23.16
C ALA A 223 -5.97 0.85 -22.44
N TYR A 224 -5.66 0.80 -21.15
CA TYR A 224 -5.83 -0.44 -20.38
C TYR A 224 -7.28 -0.90 -20.42
N TYR A 225 -8.20 -0.07 -19.92
CA TYR A 225 -9.63 -0.32 -20.06
C TYR A 225 -9.99 -0.84 -21.45
N PHE A 226 -9.46 -0.19 -22.49
CA PHE A 226 -9.76 -0.59 -23.86
C PHE A 226 -9.32 -2.03 -24.14
N GLU A 227 -8.04 -2.34 -23.90
CA GLU A 227 -7.54 -3.69 -24.16
C GLU A 227 -8.32 -4.72 -23.34
N ARG A 228 -8.37 -4.54 -22.02
CA ARG A 228 -9.16 -5.41 -21.15
C ARG A 228 -10.55 -5.67 -21.74
N ASP A 229 -11.15 -4.67 -22.37
CA ASP A 229 -12.43 -4.88 -23.05
C ASP A 229 -12.23 -5.60 -24.37
N ILE A 230 -11.28 -5.13 -25.18
CA ILE A 230 -10.92 -5.81 -26.43
C ILE A 230 -10.72 -7.30 -26.22
N LYS A 231 -10.18 -7.69 -25.06
CA LYS A 231 -9.90 -9.09 -24.77
C LYS A 231 -10.88 -9.70 -23.77
N GLY A 232 -12.01 -9.04 -23.56
CA GLY A 232 -13.17 -9.61 -22.90
C GLY A 232 -13.07 -9.82 -21.41
N GLU A 233 -11.99 -9.36 -20.77
CA GLU A 233 -12.03 -9.12 -19.32
C GLU A 233 -12.31 -7.64 -19.07
N SER A 234 -13.55 -7.24 -19.36
CA SER A 234 -13.94 -5.85 -19.13
C SER A 234 -13.93 -5.52 -17.65
N LEU A 235 -13.59 -4.27 -17.34
CA LEU A 235 -13.59 -3.79 -15.97
C LEU A 235 -14.81 -2.92 -15.65
N PHE A 236 -15.85 -2.98 -16.47
CA PHE A 236 -17.08 -2.24 -16.24
C PHE A 236 -18.12 -3.16 -15.61
N GLN A 237 -18.94 -2.60 -14.71
CA GLN A 237 -19.90 -3.39 -13.94
C GLN A 237 -20.80 -4.23 -14.84
N GLY A 238 -21.55 -3.57 -15.73
CA GLY A 238 -22.54 -4.28 -16.52
C GLY A 238 -22.00 -5.09 -17.68
N ARG A 239 -20.80 -4.77 -18.15
CA ARG A 239 -20.27 -5.37 -19.37
C ARG A 239 -19.31 -6.50 -19.06
N GLY A 240 -19.07 -7.33 -20.08
CA GLY A 240 -18.04 -8.35 -20.00
C GLY A 240 -16.97 -8.16 -21.05
N GLY A 241 -17.32 -7.52 -22.16
CA GLY A 241 -16.36 -7.25 -23.23
C GLY A 241 -16.68 -6.00 -24.00
N LEU A 242 -16.21 -5.90 -25.24
CA LEU A 242 -16.49 -4.75 -26.08
C LEU A 242 -17.43 -5.20 -27.20
N ASP A 243 -18.56 -4.49 -27.36
CA ASP A 243 -19.46 -4.75 -28.47
C ASP A 243 -18.78 -4.49 -29.81
N LEU A 244 -18.35 -3.24 -30.03
CA LEU A 244 -17.53 -2.87 -31.19
C LEU A 244 -18.21 -3.21 -32.52
N ARG A 245 -19.37 -2.60 -32.75
CA ARG A 245 -19.99 -2.69 -34.06
C ARG A 245 -19.80 -1.37 -34.81
N VAL A 246 -19.50 -1.48 -36.10
CA VAL A 246 -19.35 -0.31 -36.97
C VAL A 246 -20.47 -0.35 -37.99
N ARG A 247 -21.28 0.71 -38.00
CA ARG A 247 -22.47 0.82 -38.85
C ARG A 247 -23.23 -0.51 -38.93
N GLY A 248 -23.49 -1.09 -37.76
CA GLY A 248 -24.28 -2.28 -37.60
C GLY A 248 -23.49 -3.58 -37.69
N GLU A 249 -22.42 -3.60 -38.49
CA GLU A 249 -21.58 -4.79 -38.60
C GLU A 249 -20.71 -4.94 -37.36
N PRO A 250 -20.77 -6.07 -36.66
CA PRO A 250 -19.89 -6.26 -35.50
C PRO A 250 -18.45 -6.47 -35.93
N LEU A 251 -17.53 -6.00 -35.07
CA LEU A 251 -16.10 -5.99 -35.34
C LEU A 251 -15.40 -6.85 -34.29
N GLN A 252 -15.07 -8.09 -34.63
CA GLN A 252 -14.45 -9.02 -33.70
C GLN A 252 -12.94 -9.05 -33.93
N VAL A 253 -12.18 -8.92 -32.85
CA VAL A 253 -10.77 -8.56 -32.88
C VAL A 253 -9.94 -9.78 -32.47
N GLU A 254 -9.13 -10.28 -33.41
CA GLU A 254 -8.29 -11.43 -33.13
C GLU A 254 -7.02 -11.04 -32.37
N ARG A 255 -6.23 -10.13 -32.94
CA ARG A 255 -4.95 -9.75 -32.37
C ARG A 255 -5.07 -8.43 -31.61
N THR A 256 -4.00 -8.06 -30.90
CA THR A 256 -3.90 -6.78 -30.21
C THR A 256 -2.44 -6.52 -29.87
N LEU A 257 -1.93 -5.35 -30.27
CA LEU A 257 -0.60 -4.92 -29.89
C LEU A 257 -0.64 -3.46 -29.45
N ILE A 258 0.06 -3.15 -28.36
CA ILE A 258 -0.02 -1.84 -27.70
C ILE A 258 1.39 -1.34 -27.45
N TYR A 259 1.91 -0.49 -28.34
CA TYR A 259 3.25 0.06 -28.20
C TYR A 259 3.24 1.35 -27.39
N TYR A 260 4.10 1.41 -26.38
CA TYR A 260 4.21 2.54 -25.46
C TYR A 260 5.47 3.34 -25.76
N LEU A 261 5.30 4.64 -26.02
CA LEU A 261 6.43 5.54 -26.24
C LEU A 261 6.56 6.49 -25.06
N ASP A 262 7.78 6.61 -24.54
CA ASP A 262 8.08 7.39 -23.35
C ASP A 262 8.76 8.70 -23.72
N GLU A 263 8.52 9.74 -22.91
CA GLU A 263 9.20 11.01 -23.09
C GLU A 263 10.72 10.83 -23.08
N ILE A 264 11.24 10.01 -22.18
CA ILE A 264 12.66 9.68 -22.14
C ILE A 264 12.83 8.26 -22.66
N PRO A 265 13.73 8.04 -23.62
CA PRO A 265 13.87 6.69 -24.18
C PRO A 265 14.41 5.72 -23.15
N PRO A 266 14.00 4.46 -23.22
CA PRO A 266 14.39 3.50 -22.17
C PRO A 266 15.84 3.07 -22.31
N LYS A 267 16.56 3.10 -21.20
CA LYS A 267 17.98 2.77 -21.16
C LYS A 267 18.16 1.26 -21.01
N PHE A 268 18.55 0.59 -22.10
CA PHE A 268 18.92 -0.82 -22.04
C PHE A 268 20.37 -1.01 -22.46
N ASP B 32 -20.54 -33.54 -45.43
CA ASP B 32 -21.36 -32.36 -45.22
C ASP B 32 -20.87 -31.20 -46.09
N ASN B 33 -20.95 -29.99 -45.53
CA ASN B 33 -20.39 -28.81 -46.16
C ASN B 33 -18.89 -28.72 -45.86
N CYS B 34 -18.19 -27.90 -46.64
CA CYS B 34 -16.76 -27.71 -46.41
C CYS B 34 -16.59 -26.81 -45.19
N THR B 35 -16.57 -27.46 -44.03
CA THR B 35 -16.51 -26.80 -42.74
C THR B 35 -15.53 -27.56 -41.85
N CYS B 36 -14.68 -26.82 -41.15
CA CYS B 36 -13.74 -27.43 -40.23
C CYS B 36 -14.20 -27.10 -38.82
N PRO B 37 -15.13 -27.90 -38.26
CA PRO B 37 -15.75 -27.54 -36.98
C PRO B 37 -14.78 -27.28 -35.83
N THR B 38 -13.64 -27.96 -35.81
CA THR B 38 -12.71 -27.83 -34.70
C THR B 38 -11.70 -26.70 -34.87
N ASN B 39 -11.66 -26.06 -36.04
CA ASN B 39 -10.72 -24.97 -36.27
C ASN B 39 -11.34 -24.04 -37.32
N LYS B 40 -11.88 -22.92 -36.86
CA LYS B 40 -12.42 -21.92 -37.78
C LYS B 40 -11.32 -21.19 -38.54
N MET B 41 -10.10 -21.14 -38.01
CA MET B 41 -9.00 -20.40 -38.63
C MET B 41 -8.40 -21.22 -39.78
N THR B 42 -9.25 -21.50 -40.76
CA THR B 42 -8.89 -22.32 -41.91
C THR B 42 -9.68 -21.86 -43.11
N VAL B 43 -9.24 -22.29 -44.29
CA VAL B 43 -9.99 -22.14 -45.53
C VAL B 43 -10.30 -23.53 -46.04
N CYS B 44 -11.59 -23.89 -46.08
CA CYS B 44 -12.03 -25.10 -46.74
C CYS B 44 -12.64 -24.75 -48.09
N SER B 45 -12.46 -25.64 -49.07
CA SER B 45 -13.15 -25.55 -50.35
C SER B 45 -13.20 -26.95 -50.94
N PRO B 46 -14.27 -27.28 -51.67
CA PRO B 46 -14.37 -28.60 -52.33
C PRO B 46 -13.64 -28.67 -53.66
N ASP B 47 -12.40 -28.21 -53.69
CA ASP B 47 -11.56 -28.24 -54.88
C ASP B 47 -10.76 -29.53 -55.01
N GLY B 48 -11.06 -30.55 -54.20
CA GLY B 48 -10.28 -31.77 -54.20
C GLY B 48 -10.81 -32.81 -55.16
N PRO B 49 -10.07 -33.94 -55.29
CA PRO B 49 -10.52 -35.03 -56.17
C PRO B 49 -11.98 -35.41 -56.01
N GLY B 50 -12.75 -35.25 -57.07
CA GLY B 50 -14.17 -35.52 -57.06
C GLY B 50 -14.89 -34.68 -56.03
N GLY B 51 -14.67 -33.37 -56.07
CA GLY B 51 -15.28 -32.45 -55.13
C GLY B 51 -14.94 -32.75 -53.68
N ARG B 52 -13.79 -33.37 -53.42
CA ARG B 52 -13.39 -33.61 -52.04
C ARG B 52 -13.12 -32.31 -51.33
N CYS B 53 -13.39 -32.29 -50.03
CA CYS B 53 -13.21 -31.08 -49.23
C CYS B 53 -11.75 -30.99 -48.75
N GLN B 54 -10.99 -30.08 -49.35
CA GLN B 54 -9.66 -29.75 -48.87
C GLN B 54 -9.72 -28.50 -48.01
N CYS B 55 -8.90 -28.48 -46.95
CA CYS B 55 -8.96 -27.41 -45.97
C CYS B 55 -7.60 -27.20 -45.34
N ARG B 56 -7.05 -26.00 -45.50
CA ARG B 56 -5.71 -25.63 -45.04
C ARG B 56 -5.79 -24.58 -43.94
N ALA B 57 -4.75 -24.54 -43.11
CA ALA B 57 -4.72 -23.72 -41.91
C ALA B 57 -4.18 -22.33 -42.24
N LEU B 58 -4.97 -21.30 -41.92
CA LEU B 58 -4.56 -19.91 -42.13
C LEU B 58 -3.26 -19.61 -41.39
N GLY B 59 -2.31 -19.00 -42.11
CA GLY B 59 -1.11 -18.44 -41.53
C GLY B 59 0.03 -19.43 -41.39
N SER B 60 -0.29 -20.69 -41.11
CA SER B 60 0.68 -21.78 -41.15
C SER B 60 0.81 -22.39 -42.53
N GLY B 61 -0.31 -22.52 -43.25
CA GLY B 61 -0.37 -23.35 -44.43
C GLY B 61 -0.36 -24.82 -44.16
N MET B 62 -0.38 -25.23 -42.89
CA MET B 62 -0.29 -26.62 -42.50
C MET B 62 -1.63 -27.33 -42.66
N ALA B 63 -1.56 -28.64 -42.84
CA ALA B 63 -2.74 -29.49 -42.78
C ALA B 63 -3.39 -29.40 -41.40
N VAL B 64 -4.66 -29.77 -41.35
CA VAL B 64 -5.46 -29.65 -40.14
C VAL B 64 -6.42 -30.83 -40.05
N ASP B 65 -6.54 -31.38 -38.84
CA ASP B 65 -7.43 -32.48 -38.55
C ASP B 65 -8.70 -31.88 -37.96
N CYS B 66 -9.76 -31.85 -38.77
CA CYS B 66 -11.00 -31.17 -38.45
C CYS B 66 -11.90 -31.99 -37.54
N SER B 67 -11.33 -33.03 -36.92
CA SER B 67 -12.03 -33.85 -35.96
C SER B 67 -11.59 -33.60 -34.52
N THR B 68 -10.37 -33.11 -34.31
CA THR B 68 -9.92 -32.75 -32.96
C THR B 68 -9.26 -31.37 -32.99
N LEU B 69 -8.93 -30.91 -31.78
CA LEU B 69 -8.22 -29.64 -31.58
C LEU B 69 -6.98 -29.53 -32.46
N THR B 70 -6.77 -28.34 -33.02
CA THR B 70 -5.50 -28.02 -33.64
C THR B 70 -4.48 -27.62 -32.58
N SER B 71 -3.20 -27.84 -32.87
CA SER B 71 -2.14 -27.48 -31.94
C SER B 71 -2.10 -25.97 -31.73
N LYS B 72 -1.88 -25.56 -30.47
CA LYS B 72 -1.68 -24.16 -30.11
C LYS B 72 -0.76 -23.43 -31.08
N CYS B 73 0.41 -24.01 -31.35
CA CYS B 73 1.40 -23.37 -32.21
C CYS B 73 0.81 -22.96 -33.56
N LEU B 74 -0.03 -23.82 -34.14
CA LEU B 74 -0.64 -23.49 -35.42
C LEU B 74 -1.68 -22.38 -35.27
N LEU B 75 -2.42 -22.38 -34.16
CA LEU B 75 -3.43 -21.35 -33.92
C LEU B 75 -2.77 -20.00 -33.67
N LEU B 76 -1.62 -19.99 -32.97
CA LEU B 76 -0.85 -18.77 -32.81
C LEU B 76 -0.40 -18.23 -34.16
N LYS B 77 0.13 -19.11 -35.03
CA LYS B 77 0.51 -18.70 -36.37
C LYS B 77 -0.65 -18.05 -37.11
N ALA B 78 -1.85 -18.61 -36.98
CA ALA B 78 -3.01 -18.00 -37.63
C ALA B 78 -3.30 -16.61 -37.09
N ARG B 79 -3.25 -16.44 -35.77
CA ARG B 79 -3.47 -15.14 -35.16
C ARG B 79 -2.42 -14.12 -35.59
N MET B 80 -1.21 -14.57 -35.94
CA MET B 80 -0.06 -13.72 -36.17
C MET B 80 0.30 -13.59 -37.65
N SER B 81 -0.71 -13.61 -38.52
CA SER B 81 -0.51 -13.49 -39.97
C SER B 81 0.46 -12.36 -40.33
N ALA B 82 0.23 -11.16 -39.79
CA ALA B 82 0.98 -9.95 -40.12
C ALA B 82 1.05 -9.74 -41.62
N PRO B 83 -0.07 -9.40 -42.26
CA PRO B 83 -0.07 -9.17 -43.72
C PRO B 83 0.95 -8.13 -44.13
N LYS B 84 1.33 -8.17 -45.41
CA LYS B 84 2.31 -7.23 -45.91
C LYS B 84 1.66 -5.99 -46.54
N ASN B 85 2.54 -5.08 -46.98
CA ASN B 85 2.34 -3.95 -47.88
C ASN B 85 1.62 -2.75 -47.28
N ALA B 86 1.13 -2.84 -46.04
CA ALA B 86 1.32 -1.82 -45.00
C ALA B 86 1.23 -0.38 -45.52
N ARG B 87 0.19 -0.07 -46.30
CA ARG B 87 0.26 1.18 -47.05
C ARG B 87 0.13 2.41 -46.15
N THR B 88 -0.99 2.54 -45.46
CA THR B 88 -1.21 3.70 -44.60
C THR B 88 -0.65 3.53 -43.20
N LEU B 89 -0.60 2.30 -42.71
CA LEU B 89 -0.33 2.03 -41.31
C LEU B 89 1.03 2.56 -40.88
N VAL B 90 1.13 2.91 -39.60
CA VAL B 90 2.31 3.51 -38.99
C VAL B 90 3.19 2.42 -38.40
N ARG B 91 4.51 2.60 -38.49
CA ARG B 91 5.44 1.64 -37.91
C ARG B 91 5.73 2.09 -36.48
N PRO B 92 5.49 1.23 -35.47
CA PRO B 92 5.20 1.75 -34.11
C PRO B 92 6.22 2.72 -33.52
N SER B 93 7.50 2.32 -33.42
CA SER B 93 8.59 3.25 -33.13
C SER B 93 9.90 2.49 -33.19
N GLU B 94 10.99 3.24 -33.25
CA GLU B 94 12.30 2.69 -32.90
C GLU B 94 12.45 2.51 -31.39
N HIS B 95 11.90 3.45 -30.61
CA HIS B 95 12.08 3.50 -29.16
C HIS B 95 10.86 3.04 -28.38
N ALA B 96 10.13 2.05 -28.87
CA ALA B 96 8.86 1.68 -28.27
C ALA B 96 8.97 0.40 -27.48
N LEU B 97 8.23 0.33 -26.38
CA LEU B 97 8.06 -0.89 -25.60
C LEU B 97 6.79 -1.58 -26.06
N VAL B 98 6.84 -2.91 -26.09
CA VAL B 98 5.74 -3.69 -26.64
C VAL B 98 4.94 -4.28 -25.49
N ASP B 99 3.61 -4.25 -25.62
CA ASP B 99 2.70 -5.02 -24.78
C ASP B 99 1.98 -5.97 -25.73
N ASN B 100 2.57 -7.15 -25.93
CA ASN B 100 2.03 -8.12 -26.88
C ASN B 100 1.35 -9.29 -26.19
N ASP B 101 1.12 -9.22 -24.88
CA ASP B 101 0.43 -10.25 -24.12
C ASP B 101 1.14 -11.59 -24.19
N GLY B 102 2.45 -11.58 -24.45
CA GLY B 102 3.21 -12.77 -24.70
C GLY B 102 3.03 -13.36 -26.09
N LEU B 103 1.98 -12.97 -26.81
CA LEU B 103 1.72 -13.48 -28.15
C LEU B 103 2.91 -13.20 -29.08
N TYR B 104 3.11 -14.09 -30.04
CA TYR B 104 4.12 -13.94 -31.08
C TYR B 104 3.84 -14.98 -32.16
N ASP B 105 4.46 -14.79 -33.32
CA ASP B 105 4.36 -15.74 -34.43
C ASP B 105 5.38 -16.85 -34.25
N PRO B 106 4.98 -18.04 -33.82
CA PRO B 106 5.93 -19.11 -33.55
C PRO B 106 6.25 -19.95 -34.77
N ASP B 107 7.42 -20.59 -34.71
CA ASP B 107 7.78 -21.63 -35.67
C ASP B 107 7.34 -22.99 -35.13
N CYS B 108 6.70 -23.78 -35.98
CA CYS B 108 6.08 -25.04 -35.56
C CYS B 108 6.66 -26.20 -36.37
N ASP B 109 7.17 -27.21 -35.67
CA ASP B 109 7.65 -28.47 -36.23
C ASP B 109 6.60 -29.14 -37.11
N PRO B 110 6.99 -30.02 -38.03
CA PRO B 110 6.00 -30.58 -38.99
C PRO B 110 4.84 -31.30 -38.32
N GLU B 111 4.98 -31.74 -37.07
CA GLU B 111 3.86 -32.34 -36.36
C GLU B 111 2.90 -31.31 -35.79
N GLY B 112 3.31 -30.04 -35.73
CA GLY B 112 2.47 -28.96 -35.25
C GLY B 112 2.80 -28.46 -33.86
N ARG B 113 3.70 -29.12 -33.15
CA ARG B 113 4.13 -28.63 -31.85
C ARG B 113 5.10 -27.47 -32.02
N PHE B 114 5.29 -26.72 -30.95
CA PHE B 114 6.27 -25.63 -30.96
C PHE B 114 7.67 -26.19 -31.20
N LYS B 115 8.42 -25.53 -32.09
CA LYS B 115 9.85 -25.74 -32.14
C LYS B 115 10.46 -25.32 -30.80
N ALA B 116 11.36 -26.16 -30.28
CA ALA B 116 11.94 -25.88 -28.97
C ALA B 116 12.78 -24.62 -28.96
N ARG B 117 13.20 -24.15 -30.14
CA ARG B 117 13.99 -22.93 -30.27
C ARG B 117 13.17 -21.91 -31.03
N GLN B 118 12.93 -20.75 -30.41
CA GLN B 118 12.11 -19.69 -31.00
C GLN B 118 12.90 -18.39 -31.06
N CYS B 119 12.79 -17.68 -32.19
CA CYS B 119 13.52 -16.44 -32.43
C CYS B 119 12.61 -15.47 -33.16
N ASN B 120 12.10 -14.45 -32.48
CA ASN B 120 11.45 -13.44 -33.29
C ASN B 120 12.35 -12.22 -33.58
N GLN B 121 12.01 -11.60 -34.69
CA GLN B 121 12.08 -10.23 -35.20
C GLN B 121 13.44 -9.67 -35.62
N THR B 122 14.56 -10.33 -35.35
CA THR B 122 15.42 -11.36 -35.91
C THR B 122 16.46 -11.42 -34.80
N SER B 123 17.32 -12.45 -34.77
CA SER B 123 18.65 -12.33 -34.13
C SER B 123 18.54 -12.34 -32.61
N VAL B 124 17.37 -12.63 -32.06
CA VAL B 124 17.15 -12.75 -30.62
C VAL B 124 16.31 -14.00 -30.43
N CYS B 125 16.75 -14.88 -29.53
CA CYS B 125 16.19 -16.22 -29.47
C CYS B 125 15.99 -16.62 -28.02
N TRP B 126 15.27 -17.73 -27.85
CA TRP B 126 14.96 -18.27 -26.54
C TRP B 126 14.41 -19.68 -26.75
N CYS B 127 14.33 -20.43 -25.66
CA CYS B 127 13.73 -21.76 -25.67
C CYS B 127 12.34 -21.70 -25.07
N VAL B 128 11.43 -22.49 -25.64
CA VAL B 128 10.05 -22.56 -25.17
C VAL B 128 9.75 -23.98 -24.72
N ASN B 129 8.61 -24.13 -24.07
CA ASN B 129 8.07 -25.41 -23.62
C ASN B 129 6.92 -25.81 -24.53
N SER B 130 6.33 -26.97 -24.22
CA SER B 130 5.27 -27.54 -25.05
C SER B 130 4.09 -26.60 -25.21
N VAL B 131 3.96 -25.59 -24.37
CA VAL B 131 2.85 -24.64 -24.48
C VAL B 131 3.29 -23.35 -25.16
N GLY B 132 4.59 -23.10 -25.27
CA GLY B 132 5.13 -22.06 -26.12
C GLY B 132 5.60 -20.82 -25.39
N VAL B 133 5.56 -20.81 -24.08
CA VAL B 133 6.07 -19.71 -23.27
C VAL B 133 7.57 -19.85 -23.07
N ARG B 134 8.24 -18.71 -22.91
CA ARG B 134 9.70 -18.70 -22.79
C ARG B 134 10.13 -19.39 -21.50
N ARG B 135 11.24 -20.14 -21.60
CA ARG B 135 11.74 -20.95 -20.49
C ARG B 135 13.19 -20.64 -20.14
N THR B 136 13.84 -19.74 -20.86
CA THR B 136 15.23 -19.39 -20.65
C THR B 136 15.41 -17.90 -20.87
N ASP B 137 16.53 -17.37 -20.39
CA ASP B 137 16.86 -15.98 -20.69
C ASP B 137 17.06 -15.82 -22.19
N LYS B 138 16.66 -14.67 -22.72
CA LYS B 138 16.77 -14.41 -24.14
C LYS B 138 18.21 -14.56 -24.61
N GLY B 139 18.37 -14.99 -25.87
CA GLY B 139 19.68 -15.27 -26.41
C GLY B 139 19.90 -14.81 -27.84
N ASP B 140 21.05 -15.15 -28.39
CA ASP B 140 21.45 -14.77 -29.74
C ASP B 140 21.25 -15.96 -30.69
N LEU B 141 21.69 -15.79 -31.94
CA LEU B 141 21.47 -16.79 -32.97
C LEU B 141 22.35 -18.02 -32.83
N SER B 142 23.18 -18.10 -31.79
CA SER B 142 23.94 -19.30 -31.49
C SER B 142 23.23 -20.19 -30.48
N LEU B 143 22.15 -19.71 -29.86
CA LEU B 143 21.46 -20.46 -28.82
C LEU B 143 21.06 -21.86 -29.30
N ARG B 144 21.24 -22.83 -28.40
CA ARG B 144 20.90 -24.22 -28.66
C ARG B 144 19.88 -24.67 -27.62
N CYS B 145 18.71 -25.11 -28.07
CA CYS B 145 17.67 -25.60 -27.19
C CYS B 145 17.65 -27.12 -27.28
N ASP B 146 18.18 -27.77 -26.24
CA ASP B 146 18.32 -29.22 -26.20
C ASP B 146 17.05 -29.94 -26.66
N GLU B 147 15.94 -29.69 -25.99
CA GLU B 147 14.72 -30.43 -26.26
C GLU B 147 13.51 -29.54 -25.99
N LEU B 148 12.33 -30.10 -26.27
CA LEU B 148 11.05 -29.44 -26.05
C LEU B 148 10.53 -29.85 -24.67
N VAL B 149 11.09 -29.20 -23.65
CA VAL B 149 10.68 -29.43 -22.26
C VAL B 149 9.17 -29.36 -22.15
N ARG B 150 8.58 -30.41 -21.58
CA ARG B 150 7.13 -30.56 -21.60
C ARG B 150 6.46 -29.76 -20.49
N THR B 151 5.28 -29.21 -20.80
CA THR B 151 4.39 -28.62 -19.81
C THR B 151 3.40 -29.68 -19.35
N HIS B 152 3.55 -30.14 -18.10
CA HIS B 152 2.77 -31.27 -17.62
C HIS B 152 1.63 -30.88 -16.68
N HIS B 153 1.64 -29.66 -16.13
CA HIS B 153 0.62 -29.23 -15.19
C HIS B 153 0.16 -27.82 -15.54
N ILE B 154 -1.14 -27.65 -15.74
CA ILE B 154 -1.73 -26.37 -16.09
C ILE B 154 -2.79 -26.03 -15.04
N LEU B 155 -2.58 -24.92 -14.34
CA LEU B 155 -3.54 -24.39 -13.38
C LEU B 155 -4.34 -23.26 -14.05
N ILE B 156 -5.63 -23.46 -14.22
CA ILE B 156 -6.52 -22.44 -14.77
C ILE B 156 -7.29 -21.84 -13.60
N ASP B 157 -6.88 -20.66 -13.17
CA ASP B 157 -7.56 -19.91 -12.12
C ASP B 157 -8.59 -18.97 -12.76
N LEU B 158 -9.87 -19.29 -12.58
CA LEU B 158 -10.92 -18.41 -13.06
C LEU B 158 -11.45 -17.55 -11.92
N ARG B 159 -12.24 -16.55 -12.28
CA ARG B 159 -12.98 -15.72 -11.34
C ARG B 159 -14.28 -15.31 -12.01
N HIS B 160 -15.41 -15.55 -11.36
CA HIS B 160 -16.69 -15.38 -12.02
C HIS B 160 -17.50 -14.26 -11.35
N ARG B 161 -18.41 -13.68 -12.14
CA ARG B 161 -19.24 -12.56 -11.74
C ARG B 161 -20.05 -12.94 -10.51
N PRO B 162 -19.76 -12.35 -9.35
CA PRO B 162 -20.47 -12.73 -8.12
C PRO B 162 -21.98 -12.69 -8.29
N THR B 163 -22.61 -13.82 -7.94
CA THR B 163 -24.06 -13.90 -7.85
C THR B 163 -24.49 -13.58 -6.42
N ALA B 164 -25.80 -13.65 -6.17
CA ALA B 164 -26.28 -13.51 -4.80
C ALA B 164 -25.60 -14.52 -3.88
N GLY B 165 -25.64 -15.80 -4.26
CA GLY B 165 -24.86 -16.81 -3.56
C GLY B 165 -23.79 -17.44 -4.43
N ALA B 166 -23.53 -18.73 -4.20
CA ALA B 166 -22.59 -19.55 -4.94
C ALA B 166 -23.34 -20.61 -5.73
N PHE B 167 -22.59 -21.48 -6.39
CA PHE B 167 -23.18 -22.64 -7.04
C PHE B 167 -22.93 -23.89 -6.20
N ASN B 168 -23.65 -24.96 -6.54
CA ASN B 168 -23.44 -26.26 -5.91
C ASN B 168 -22.16 -26.86 -6.48
N HIS B 169 -21.12 -26.93 -5.64
CA HIS B 169 -19.81 -27.43 -6.04
C HIS B 169 -19.90 -28.67 -6.94
N SER B 170 -20.66 -29.68 -6.50
CA SER B 170 -20.93 -30.86 -7.32
C SER B 170 -21.29 -30.50 -8.75
N ASP B 171 -22.36 -29.72 -8.93
CA ASP B 171 -22.82 -29.36 -10.26
C ASP B 171 -21.74 -28.66 -11.07
N LEU B 172 -21.00 -27.74 -10.43
CA LEU B 172 -19.90 -27.06 -11.11
C LEU B 172 -18.87 -28.07 -11.61
N ASP B 173 -18.31 -28.88 -10.70
CA ASP B 173 -17.29 -29.85 -11.08
C ASP B 173 -17.79 -30.80 -12.16
N ALA B 174 -19.03 -31.27 -12.02
CA ALA B 174 -19.64 -32.09 -13.07
C ALA B 174 -19.61 -31.38 -14.43
N GLU B 175 -19.95 -30.10 -14.44
CA GLU B 175 -20.14 -29.39 -15.70
C GLU B 175 -18.83 -28.98 -16.34
N LEU B 176 -17.78 -28.74 -15.54
CA LEU B 176 -16.47 -28.44 -16.12
C LEU B 176 -15.79 -29.71 -16.63
N ARG B 177 -15.93 -30.82 -15.89
CA ARG B 177 -15.47 -32.11 -16.39
C ARG B 177 -16.16 -32.48 -17.69
N ARG B 178 -17.50 -32.38 -17.72
CA ARG B 178 -18.25 -32.64 -18.95
C ARG B 178 -17.78 -31.74 -20.07
N LEU B 179 -17.46 -30.48 -19.76
CA LEU B 179 -17.11 -29.52 -20.79
C LEU B 179 -15.81 -29.92 -21.49
N PHE B 180 -14.72 -30.09 -20.74
CA PHE B 180 -13.46 -30.50 -21.35
C PHE B 180 -13.59 -31.85 -22.06
N ARG B 181 -14.37 -32.77 -21.49
CA ARG B 181 -14.56 -34.07 -22.11
C ARG B 181 -15.22 -33.95 -23.48
N GLU B 182 -16.45 -33.42 -23.51
CA GLU B 182 -17.22 -33.38 -24.75
C GLU B 182 -16.68 -32.33 -25.73
N ARG B 183 -16.46 -31.11 -25.23
CA ARG B 183 -16.19 -29.98 -26.13
C ARG B 183 -14.74 -30.00 -26.60
N TYR B 184 -13.79 -30.03 -25.67
CA TYR B 184 -12.38 -29.99 -26.01
C TYR B 184 -11.77 -31.38 -26.19
N ARG B 185 -12.60 -32.43 -26.13
CA ARG B 185 -12.18 -33.79 -26.47
C ARG B 185 -10.97 -34.25 -25.67
N LEU B 186 -10.86 -33.79 -24.43
CA LEU B 186 -9.77 -34.19 -23.54
C LEU B 186 -10.24 -35.32 -22.64
N HIS B 187 -9.38 -36.31 -22.47
CA HIS B 187 -9.76 -37.50 -21.72
C HIS B 187 -9.93 -37.17 -20.25
N PRO B 188 -11.00 -37.66 -19.62
CA PRO B 188 -11.26 -37.34 -18.20
C PRO B 188 -10.08 -37.57 -17.28
N LYS B 189 -9.18 -38.52 -17.60
CA LYS B 189 -8.08 -38.84 -16.72
C LYS B 189 -7.04 -37.74 -16.62
N PHE B 190 -7.16 -36.67 -17.40
CA PHE B 190 -6.18 -35.58 -17.37
C PHE B 190 -6.67 -34.34 -16.64
N VAL B 191 -7.92 -34.32 -16.17
CA VAL B 191 -8.41 -33.21 -15.34
C VAL B 191 -8.14 -33.60 -13.89
N ALA B 192 -6.97 -33.21 -13.40
CA ALA B 192 -6.54 -33.59 -12.05
C ALA B 192 -7.58 -33.23 -10.99
N ALA B 193 -7.90 -31.94 -10.87
CA ALA B 193 -8.86 -31.48 -9.88
C ALA B 193 -9.79 -30.43 -10.47
N VAL B 194 -10.84 -30.14 -9.71
CA VAL B 194 -11.70 -28.96 -9.91
C VAL B 194 -11.99 -28.37 -8.54
N HIS B 195 -11.33 -27.28 -8.19
CA HIS B 195 -11.59 -26.68 -6.88
C HIS B 195 -12.64 -25.58 -7.02
N TYR B 196 -13.17 -25.15 -5.88
CA TYR B 196 -14.22 -24.14 -5.88
C TYR B 196 -14.37 -23.52 -4.50
N GLU B 197 -14.56 -22.21 -4.51
CA GLU B 197 -14.71 -21.37 -3.33
C GLU B 197 -15.64 -20.24 -3.73
N GLN B 198 -15.69 -19.19 -2.93
CA GLN B 198 -16.32 -17.97 -3.41
C GLN B 198 -15.36 -17.42 -4.47
N PRO B 199 -15.74 -16.36 -5.20
CA PRO B 199 -15.84 -16.47 -6.66
C PRO B 199 -14.80 -17.34 -7.37
N THR B 200 -13.51 -17.23 -7.08
CA THR B 200 -12.49 -17.79 -7.96
C THR B 200 -12.60 -19.31 -8.09
N ILE B 201 -12.60 -19.78 -9.34
CA ILE B 201 -12.72 -21.19 -9.71
C ILE B 201 -11.38 -21.65 -10.29
N GLN B 202 -10.93 -22.84 -9.88
CA GLN B 202 -9.68 -23.40 -10.39
C GLN B 202 -9.93 -24.75 -11.07
N ILE B 203 -9.13 -25.02 -12.11
CA ILE B 203 -9.14 -26.29 -12.84
C ILE B 203 -7.70 -26.74 -13.03
N GLU B 204 -7.31 -27.83 -12.38
CA GLU B 204 -5.99 -28.43 -12.58
C GLU B 204 -6.03 -29.48 -13.69
N LEU B 205 -5.09 -29.39 -14.62
CA LEU B 205 -4.87 -30.42 -15.63
C LEU B 205 -3.45 -30.97 -15.50
N ARG B 206 -3.31 -32.29 -15.58
CA ARG B 206 -2.00 -32.94 -15.48
C ARG B 206 -1.86 -33.96 -16.60
N GLN B 207 -0.88 -33.73 -17.49
CA GLN B 207 -0.54 -34.72 -18.52
C GLN B 207 0.98 -34.77 -18.68
N ASN B 208 1.63 -35.73 -18.02
CA ASN B 208 3.03 -36.01 -18.30
C ASN B 208 3.21 -36.52 -19.72
N THR B 209 4.46 -36.54 -20.17
CA THR B 209 4.79 -37.23 -21.41
C THR B 209 4.57 -38.74 -21.30
N SER B 210 4.94 -39.31 -20.15
CA SER B 210 4.84 -40.75 -19.92
C SER B 210 3.43 -41.30 -20.03
N GLN B 211 2.41 -40.45 -20.12
CA GLN B 211 1.03 -40.87 -19.99
C GLN B 211 0.14 -40.39 -21.14
N LYS B 212 0.72 -39.80 -22.19
CA LYS B 212 -0.07 -39.26 -23.29
C LYS B 212 0.10 -40.19 -24.50
N ALA B 213 -1.02 -40.75 -24.95
CA ALA B 213 -1.04 -41.77 -26.00
C ALA B 213 -1.02 -41.12 -27.38
N ALA B 214 -1.24 -41.95 -28.39
CA ALA B 214 -1.38 -41.48 -29.76
C ALA B 214 -2.78 -40.92 -29.99
N GLY B 215 -2.84 -39.68 -30.46
CA GLY B 215 -4.10 -38.95 -30.56
C GLY B 215 -4.81 -38.73 -29.26
N ASP B 216 -4.05 -38.60 -28.16
CA ASP B 216 -4.55 -37.94 -26.96
C ASP B 216 -4.36 -36.44 -27.13
N VAL B 217 -5.46 -35.69 -27.18
CA VAL B 217 -5.34 -34.24 -27.30
C VAL B 217 -4.55 -33.71 -26.10
N ASP B 218 -3.75 -32.68 -26.34
CA ASP B 218 -2.89 -32.12 -25.31
C ASP B 218 -3.70 -31.25 -24.35
N ILE B 219 -3.18 -31.12 -23.13
CA ILE B 219 -3.78 -30.22 -22.16
C ILE B 219 -3.49 -28.77 -22.54
N GLY B 220 -2.28 -28.49 -23.01
CA GLY B 220 -1.94 -27.14 -23.45
C GLY B 220 -2.81 -26.64 -24.57
N ASP B 221 -3.38 -27.54 -25.36
CA ASP B 221 -4.26 -27.18 -26.46
C ASP B 221 -5.71 -27.03 -25.98
N ALA B 222 -6.20 -28.01 -25.23
CA ALA B 222 -7.50 -27.87 -24.57
C ALA B 222 -7.57 -26.59 -23.74
N ALA B 223 -6.47 -26.27 -23.04
CA ALA B 223 -6.39 -25.01 -22.30
C ALA B 223 -6.63 -23.82 -23.21
N TYR B 224 -5.86 -23.72 -24.29
CA TYR B 224 -6.01 -22.62 -25.25
C TYR B 224 -7.45 -22.53 -25.76
N TYR B 225 -7.96 -23.62 -26.34
CA TYR B 225 -9.36 -23.69 -26.75
C TYR B 225 -10.30 -23.18 -25.66
N PHE B 226 -10.01 -23.52 -24.39
CA PHE B 226 -10.84 -23.03 -23.29
C PHE B 226 -10.76 -21.51 -23.18
N GLU B 227 -9.54 -20.98 -23.05
CA GLU B 227 -9.33 -19.54 -22.93
C GLU B 227 -10.03 -18.77 -24.04
N ARG B 228 -9.75 -19.13 -25.30
CA ARG B 228 -10.39 -18.47 -26.44
C ARG B 228 -11.91 -18.46 -26.31
N ASP B 229 -12.48 -19.56 -25.82
CA ASP B 229 -13.92 -19.62 -25.61
C ASP B 229 -14.32 -18.75 -24.42
N ILE B 230 -13.58 -18.81 -23.32
CA ILE B 230 -13.81 -17.95 -22.17
C ILE B 230 -13.90 -16.49 -22.61
N LYS B 231 -12.93 -16.04 -23.41
CA LYS B 231 -12.86 -14.63 -23.81
C LYS B 231 -13.67 -14.35 -25.07
N GLY B 232 -14.64 -15.21 -25.39
CA GLY B 232 -15.60 -14.96 -26.44
C GLY B 232 -15.11 -15.12 -27.86
N GLU B 233 -13.81 -15.31 -28.08
CA GLU B 233 -13.31 -15.60 -29.41
C GLU B 233 -13.16 -17.12 -29.60
N SER B 234 -14.32 -17.77 -29.68
CA SER B 234 -14.34 -19.22 -29.89
C SER B 234 -13.59 -19.61 -31.15
N LEU B 235 -12.99 -20.79 -31.11
CA LEU B 235 -12.26 -21.34 -32.25
C LEU B 235 -13.10 -22.32 -33.08
N PHE B 236 -14.31 -22.65 -32.64
CA PHE B 236 -15.12 -23.68 -33.27
C PHE B 236 -15.94 -23.11 -34.42
N GLN B 237 -15.79 -23.70 -35.60
CA GLN B 237 -16.52 -23.27 -36.79
C GLN B 237 -17.91 -23.88 -36.78
N GLY B 238 -18.81 -23.24 -36.06
CA GLY B 238 -20.22 -23.57 -36.13
C GLY B 238 -20.99 -23.61 -34.83
N ARG B 239 -20.35 -23.94 -33.71
CA ARG B 239 -20.99 -23.65 -32.42
C ARG B 239 -20.76 -22.20 -32.02
N GLY B 240 -19.50 -21.81 -31.88
CA GLY B 240 -19.09 -20.44 -31.62
C GLY B 240 -19.59 -19.83 -30.32
N GLY B 241 -20.19 -20.64 -29.46
CA GLY B 241 -20.69 -20.14 -28.18
C GLY B 241 -20.37 -20.98 -26.96
N LEU B 242 -19.67 -20.41 -25.99
CA LEU B 242 -19.57 -21.02 -24.66
C LEU B 242 -20.75 -20.55 -23.81
N ASP B 243 -21.83 -21.33 -23.82
CA ASP B 243 -22.96 -21.02 -22.95
C ASP B 243 -22.55 -21.04 -21.48
N LEU B 244 -21.79 -22.06 -21.08
CA LEU B 244 -21.17 -22.14 -19.75
C LEU B 244 -22.16 -21.85 -18.63
N ARG B 245 -23.19 -22.69 -18.53
CA ARG B 245 -24.21 -22.57 -17.50
C ARG B 245 -24.20 -23.81 -16.62
N VAL B 246 -24.39 -23.60 -15.32
CA VAL B 246 -24.31 -24.66 -14.32
C VAL B 246 -25.67 -24.74 -13.64
N ARG B 247 -26.39 -25.85 -13.88
CA ARG B 247 -27.73 -26.04 -13.35
C ARG B 247 -28.66 -24.92 -13.83
N GLY B 248 -28.47 -24.49 -15.07
CA GLY B 248 -29.24 -23.41 -15.68
C GLY B 248 -28.65 -22.02 -15.51
N GLU B 249 -28.15 -21.70 -14.33
CA GLU B 249 -27.59 -20.38 -14.09
C GLU B 249 -26.31 -20.19 -14.87
N PRO B 250 -26.18 -19.12 -15.67
CA PRO B 250 -24.97 -18.95 -16.49
C PRO B 250 -23.78 -18.51 -15.65
N LEU B 251 -22.60 -18.92 -16.10
CA LEU B 251 -21.33 -18.67 -15.42
C LEU B 251 -20.50 -17.70 -16.27
N GLN B 252 -20.56 -16.41 -15.93
CA GLN B 252 -19.74 -15.41 -16.59
C GLN B 252 -18.43 -15.23 -15.84
N VAL B 253 -17.33 -15.15 -16.61
CA VAL B 253 -15.98 -15.18 -16.06
C VAL B 253 -15.36 -13.80 -16.18
N GLU B 254 -14.96 -13.24 -15.03
CA GLU B 254 -14.41 -11.89 -14.98
C GLU B 254 -12.89 -11.84 -15.13
N ARG B 255 -12.16 -12.87 -14.68
CA ARG B 255 -10.71 -12.83 -14.69
C ARG B 255 -10.16 -14.24 -14.80
N THR B 256 -9.18 -14.42 -15.69
CA THR B 256 -8.63 -15.73 -16.02
C THR B 256 -7.11 -15.66 -16.03
N LEU B 257 -6.47 -16.45 -15.16
CA LEU B 257 -5.02 -16.61 -15.16
C LEU B 257 -4.69 -18.09 -15.32
N ILE B 258 -3.76 -18.38 -16.23
CA ILE B 258 -3.36 -19.76 -16.55
C ILE B 258 -1.87 -19.92 -16.23
N TYR B 259 -1.55 -20.89 -15.39
CA TYR B 259 -0.19 -21.13 -14.91
C TYR B 259 0.34 -22.46 -15.45
N TYR B 260 1.60 -22.45 -15.88
CA TYR B 260 2.20 -23.55 -16.64
C TYR B 260 3.40 -24.10 -15.90
N LEU B 261 3.31 -25.34 -15.43
CA LEU B 261 4.38 -26.02 -14.73
C LEU B 261 5.03 -27.05 -15.65
N ASP B 262 6.35 -26.94 -15.83
CA ASP B 262 7.10 -27.77 -16.75
C ASP B 262 7.75 -28.95 -16.04
N GLU B 263 7.97 -30.03 -16.79
CA GLU B 263 8.67 -31.20 -16.25
C GLU B 263 10.09 -30.88 -15.83
N ILE B 264 10.65 -29.76 -16.29
CA ILE B 264 11.95 -29.30 -15.84
C ILE B 264 11.80 -27.81 -15.52
N PRO B 265 12.25 -27.35 -14.36
CA PRO B 265 12.09 -25.93 -14.04
C PRO B 265 12.80 -25.07 -15.07
N PRO B 266 12.35 -23.84 -15.26
CA PRO B 266 13.02 -22.94 -16.21
C PRO B 266 14.34 -22.46 -15.62
N LYS B 267 15.15 -21.86 -16.50
CA LYS B 267 16.51 -21.44 -16.16
C LYS B 267 16.63 -19.94 -16.39
N PHE B 268 16.58 -19.17 -15.31
CA PHE B 268 16.72 -17.72 -15.38
C PHE B 268 17.85 -17.24 -14.47
N ASP C 32 -25.74 11.44 4.59
CA ASP C 32 -26.19 12.58 3.80
C ASP C 32 -25.30 13.79 4.05
N ASN C 33 -24.06 13.53 4.44
CA ASN C 33 -23.08 14.58 4.72
C ASN C 33 -21.70 13.96 4.62
N CYS C 34 -20.87 14.45 3.70
CA CYS C 34 -19.63 13.79 3.33
C CYS C 34 -18.58 14.04 4.42
N THR C 35 -18.77 13.38 5.56
CA THR C 35 -17.86 13.43 6.69
C THR C 35 -17.46 12.01 7.06
N CYS C 36 -16.26 11.88 7.63
CA CYS C 36 -15.73 10.59 8.07
C CYS C 36 -15.51 10.68 9.58
N PRO C 37 -16.52 10.30 10.38
CA PRO C 37 -16.45 10.56 11.82
C PRO C 37 -15.27 9.92 12.53
N THR C 38 -14.93 8.69 12.18
CA THR C 38 -13.92 7.94 12.93
C THR C 38 -12.49 8.25 12.49
N ASN C 39 -12.31 9.02 11.42
CA ASN C 39 -10.98 9.31 10.90
C ASN C 39 -11.03 10.68 10.25
N LYS C 40 -10.48 11.68 10.94
CA LYS C 40 -10.39 13.03 10.40
C LYS C 40 -9.23 13.18 9.42
N MET C 41 -8.29 12.24 9.43
CA MET C 41 -7.12 12.28 8.56
C MET C 41 -7.47 11.68 7.19
N THR C 42 -8.49 12.27 6.56
CA THR C 42 -9.02 11.75 5.30
C THR C 42 -9.62 12.91 4.52
N VAL C 43 -9.82 12.67 3.22
CA VAL C 43 -10.39 13.63 2.29
C VAL C 43 -11.66 13.03 1.71
N CYS C 44 -12.81 13.51 2.15
CA CYS C 44 -14.07 13.06 1.59
C CYS C 44 -14.68 14.19 0.77
N SER C 45 -15.30 13.83 -0.36
CA SER C 45 -16.02 14.76 -1.22
C SER C 45 -17.09 13.96 -1.95
N PRO C 46 -18.31 14.48 -2.07
CA PRO C 46 -19.42 13.72 -2.66
C PRO C 46 -19.36 13.59 -4.18
N ASP C 47 -18.25 13.08 -4.69
CA ASP C 47 -18.08 12.88 -6.13
C ASP C 47 -18.33 11.44 -6.55
N GLY C 48 -19.01 10.65 -5.72
CA GLY C 48 -19.39 9.30 -6.08
C GLY C 48 -20.69 9.28 -6.86
N PRO C 49 -21.01 8.12 -7.48
CA PRO C 49 -22.26 8.02 -8.24
C PRO C 49 -23.47 8.46 -7.43
N GLY C 50 -24.19 9.47 -7.93
CA GLY C 50 -25.38 9.95 -7.26
C GLY C 50 -25.10 10.84 -6.07
N GLY C 51 -23.88 11.35 -5.93
CA GLY C 51 -23.49 12.08 -4.74
C GLY C 51 -22.88 11.24 -3.64
N ARG C 52 -22.86 9.91 -3.81
CA ARG C 52 -22.28 9.00 -2.82
C ARG C 52 -20.94 9.52 -2.31
N CYS C 53 -20.84 9.71 -1.00
CA CYS C 53 -19.64 10.32 -0.43
C CYS C 53 -18.46 9.38 -0.60
N GLN C 54 -17.54 9.74 -1.49
CA GLN C 54 -16.25 9.09 -1.62
C GLN C 54 -15.25 9.71 -0.64
N CYS C 55 -14.41 8.87 -0.04
CA CYS C 55 -13.54 9.33 1.04
C CYS C 55 -12.33 8.41 1.14
N ARG C 56 -11.14 9.00 1.09
CA ARG C 56 -9.89 8.24 1.05
C ARG C 56 -8.94 8.76 2.12
N ALA C 57 -8.01 7.89 2.51
CA ALA C 57 -7.09 8.17 3.60
C ALA C 57 -6.01 9.16 3.18
N LEU C 58 -5.69 10.09 4.08
CA LEU C 58 -4.63 11.05 3.81
C LEU C 58 -3.27 10.38 3.94
N GLY C 59 -2.42 10.57 2.95
CA GLY C 59 -1.05 10.08 2.99
C GLY C 59 -0.85 8.67 2.47
N SER C 60 -1.70 7.74 2.91
CA SER C 60 -1.65 6.38 2.40
C SER C 60 -2.33 6.26 1.05
N GLY C 61 -3.45 6.96 0.85
CA GLY C 61 -4.29 6.74 -0.30
C GLY C 61 -5.29 5.63 -0.14
N MET C 62 -5.25 4.90 0.98
CA MET C 62 -6.07 3.70 1.15
C MET C 62 -7.53 4.07 1.41
N ALA C 63 -8.40 3.11 1.10
CA ALA C 63 -9.79 3.17 1.52
C ALA C 63 -9.88 3.17 3.05
N VAL C 64 -10.88 3.89 3.56
CA VAL C 64 -11.12 3.95 5.00
C VAL C 64 -12.53 3.48 5.29
N ASP C 65 -12.72 2.99 6.52
CA ASP C 65 -14.02 2.60 7.05
C ASP C 65 -14.36 3.61 8.13
N CYS C 66 -15.33 4.48 7.84
CA CYS C 66 -15.67 5.59 8.72
C CYS C 66 -16.69 5.18 9.78
N SER C 67 -16.82 3.88 10.03
CA SER C 67 -17.67 3.35 11.09
C SER C 67 -16.88 2.77 12.26
N THR C 68 -15.61 2.41 12.06
CA THR C 68 -14.76 1.93 13.13
C THR C 68 -13.40 2.60 13.05
N LEU C 69 -12.51 2.23 13.97
CA LEU C 69 -11.18 2.81 14.03
C LEU C 69 -10.36 2.47 12.81
N THR C 70 -9.58 3.44 12.33
CA THR C 70 -8.60 3.19 11.29
C THR C 70 -7.33 2.63 11.92
N SER C 71 -6.69 1.68 11.22
CA SER C 71 -5.44 1.10 11.68
C SER C 71 -4.41 2.16 12.02
N LYS C 72 -3.57 1.86 13.02
CA LYS C 72 -2.49 2.76 13.40
C LYS C 72 -1.55 3.03 12.24
N CYS C 73 -1.26 2.00 11.44
CA CYS C 73 -0.29 2.13 10.36
C CYS C 73 -0.70 3.20 9.36
N LEU C 74 -1.97 3.18 8.94
CA LEU C 74 -2.45 4.18 8.00
C LEU C 74 -2.55 5.55 8.64
N LEU C 75 -2.79 5.60 9.96
CA LEU C 75 -2.82 6.88 10.66
C LEU C 75 -1.42 7.48 10.79
N LEU C 76 -0.40 6.63 10.97
CA LEU C 76 0.97 7.11 10.95
C LEU C 76 1.36 7.62 9.56
N LYS C 77 0.96 6.89 8.52
CA LYS C 77 1.16 7.36 7.16
C LYS C 77 0.59 8.76 6.95
N ALA C 78 -0.57 9.05 7.55
CA ALA C 78 -1.14 10.38 7.47
C ALA C 78 -0.26 11.41 8.16
N ARG C 79 0.08 11.16 9.43
CA ARG C 79 0.95 12.06 10.20
C ARG C 79 2.21 12.44 9.42
N MET C 80 2.79 11.48 8.69
CA MET C 80 4.07 11.66 8.02
C MET C 80 3.91 11.95 6.52
N SER C 81 2.85 12.68 6.15
CA SER C 81 2.54 12.99 4.76
C SER C 81 3.78 13.36 3.94
N ALA C 82 4.64 14.23 4.49
CA ALA C 82 5.91 14.61 3.86
C ALA C 82 5.70 15.16 2.46
N PRO C 83 5.08 16.34 2.32
CA PRO C 83 4.87 16.92 0.98
C PRO C 83 6.16 17.06 0.18
N LYS C 84 7.14 17.75 0.74
CA LYS C 84 8.44 17.92 0.10
C LYS C 84 9.45 18.52 1.07
N PRO C 92 13.41 24.73 4.94
CA PRO C 92 14.75 24.31 4.52
C PRO C 92 15.33 23.19 5.40
N SER C 93 16.49 22.67 4.98
CA SER C 93 17.03 21.44 5.54
C SER C 93 17.96 21.72 6.72
N GLU C 94 18.64 20.66 7.17
CA GLU C 94 19.58 20.67 8.28
C GLU C 94 20.31 19.33 8.25
N HIS C 95 21.23 19.13 9.19
CA HIS C 95 21.83 17.81 9.39
C HIS C 95 22.38 17.75 10.79
N ALA C 96 21.88 16.81 11.59
CA ALA C 96 22.07 16.85 13.03
C ALA C 96 21.92 15.45 13.61
N LEU C 97 21.82 15.41 14.94
CA LEU C 97 21.19 14.32 15.67
C LEU C 97 19.73 14.71 15.88
N VAL C 98 18.87 13.72 16.01
CA VAL C 98 17.44 14.01 15.94
C VAL C 98 16.69 13.06 16.87
N ASP C 99 15.69 13.62 17.53
CA ASP C 99 14.67 12.88 18.26
C ASP C 99 13.34 13.11 17.54
N ASN C 100 12.60 12.03 17.35
CA ASN C 100 11.38 12.08 16.55
C ASN C 100 10.18 11.45 17.24
N ASP C 101 10.36 10.91 18.46
CA ASP C 101 9.32 10.25 19.23
C ASP C 101 8.97 8.88 18.66
N GLY C 102 9.87 8.27 17.91
CA GLY C 102 9.58 7.01 17.26
C GLY C 102 8.61 7.11 16.10
N LEU C 103 8.45 8.30 15.53
CA LEU C 103 7.52 8.50 14.43
C LEU C 103 8.24 8.38 13.09
N TYR C 104 7.51 7.91 12.09
CA TYR C 104 8.06 7.65 10.76
C TYR C 104 6.91 7.25 9.85
N ASP C 105 7.20 7.24 8.54
CA ASP C 105 6.23 6.83 7.52
C ASP C 105 6.37 5.34 7.23
N PRO C 106 5.49 4.50 7.78
CA PRO C 106 5.63 3.06 7.58
C PRO C 106 5.06 2.59 6.24
N ASP C 107 5.41 1.36 5.89
CA ASP C 107 4.77 0.62 4.82
C ASP C 107 3.65 -0.25 5.40
N CYS C 108 2.42 -0.07 4.92
CA CYS C 108 1.28 -0.83 5.41
C CYS C 108 0.76 -1.76 4.32
N ASP C 109 0.53 -3.03 4.69
CA ASP C 109 -0.02 -4.06 3.83
C ASP C 109 -1.42 -3.70 3.32
N PRO C 110 -1.95 -4.40 2.31
CA PRO C 110 -3.34 -4.16 1.88
C PRO C 110 -4.38 -4.14 2.98
N GLU C 111 -4.18 -4.87 4.08
CA GLU C 111 -5.15 -4.89 5.16
C GLU C 111 -4.92 -3.76 6.15
N GLY C 112 -4.00 -2.85 5.86
CA GLY C 112 -3.76 -1.65 6.63
C GLY C 112 -2.99 -1.84 7.92
N ARG C 113 -2.60 -3.08 8.26
CA ARG C 113 -1.69 -3.23 9.38
C ARG C 113 -0.26 -2.96 8.95
N PHE C 114 0.64 -2.97 9.91
CA PHE C 114 2.06 -2.80 9.62
C PHE C 114 2.60 -3.98 8.81
N LYS C 115 3.64 -3.70 8.03
CA LYS C 115 4.44 -4.75 7.41
C LYS C 115 5.55 -5.15 8.36
N ALA C 116 5.72 -6.46 8.55
CA ALA C 116 6.75 -6.98 9.45
C ALA C 116 8.08 -6.25 9.31
N ARG C 117 8.63 -6.25 8.10
CA ARG C 117 9.83 -5.47 7.81
C ARG C 117 9.48 -4.00 7.61
N GLN C 118 10.38 -3.12 8.05
CA GLN C 118 10.12 -1.69 8.04
C GLN C 118 11.44 -0.94 7.88
N CYS C 119 11.62 -0.30 6.72
CA CYS C 119 12.74 0.59 6.48
C CYS C 119 12.21 2.00 6.29
N ASN C 120 12.94 2.99 6.80
CA ASN C 120 12.58 4.39 6.61
C ASN C 120 13.64 5.15 5.83
N GLN C 121 14.91 4.99 6.20
CA GLN C 121 16.03 5.42 5.38
C GLN C 121 16.30 4.33 4.34
N THR C 122 17.42 4.44 3.62
CA THR C 122 17.62 3.59 2.46
C THR C 122 18.02 2.16 2.86
N SER C 123 19.05 2.00 3.69
CA SER C 123 19.51 0.66 4.03
C SER C 123 19.16 0.21 5.44
N VAL C 124 18.91 1.13 6.37
CA VAL C 124 18.46 0.74 7.72
C VAL C 124 17.08 0.09 7.63
N CYS C 125 17.02 -1.19 7.98
CA CYS C 125 15.75 -1.90 8.05
C CYS C 125 15.66 -2.64 9.38
N TRP C 126 14.44 -3.01 9.75
CA TRP C 126 14.20 -3.78 10.97
C TRP C 126 12.83 -4.44 10.89
N CYS C 127 12.48 -5.17 11.94
CA CYS C 127 11.16 -5.75 12.12
C CYS C 127 10.35 -4.96 13.14
N VAL C 128 9.03 -5.10 13.07
CA VAL C 128 8.12 -4.43 13.99
C VAL C 128 7.01 -5.38 14.42
N ASN C 129 6.32 -4.99 15.48
CA ASN C 129 5.13 -5.68 15.98
C ASN C 129 3.88 -5.01 15.43
N SER C 130 2.72 -5.61 15.74
CA SER C 130 1.44 -5.09 15.26
C SER C 130 1.21 -3.63 15.65
N VAL C 131 1.96 -3.10 16.61
CA VAL C 131 1.92 -1.67 16.93
C VAL C 131 2.94 -0.89 16.12
N GLY C 132 3.75 -1.56 15.31
CA GLY C 132 4.81 -0.93 14.56
C GLY C 132 5.84 -0.18 15.37
N VAL C 133 6.30 -0.79 16.46
CA VAL C 133 7.50 -0.35 17.15
C VAL C 133 8.60 -1.36 16.86
N ARG C 134 9.84 -0.92 16.99
CA ARG C 134 10.98 -1.73 16.53
C ARG C 134 11.23 -2.88 17.50
N ARG C 135 11.38 -4.09 16.94
CA ARG C 135 11.52 -5.30 17.74
C ARG C 135 12.80 -6.06 17.43
N THR C 136 13.84 -5.38 16.93
CA THR C 136 15.12 -5.98 16.58
C THR C 136 16.17 -4.87 16.52
N ASP C 137 17.40 -5.27 16.23
CA ASP C 137 18.49 -4.35 15.94
C ASP C 137 18.44 -3.95 14.47
N LYS C 138 18.40 -2.63 14.22
CA LYS C 138 18.40 -2.11 12.85
C LYS C 138 19.44 -2.80 12.00
N GLY C 139 18.99 -3.40 10.89
CA GLY C 139 19.88 -4.13 10.02
C GLY C 139 20.19 -3.45 8.69
N ASP C 140 20.36 -4.26 7.66
CA ASP C 140 20.60 -3.82 6.29
C ASP C 140 19.51 -4.35 5.39
N LEU C 141 19.52 -3.92 4.13
CA LEU C 141 18.41 -4.17 3.22
C LEU C 141 18.19 -5.66 2.94
N SER C 142 19.07 -6.55 3.40
CA SER C 142 18.86 -7.98 3.30
C SER C 142 17.95 -8.54 4.38
N LEU C 143 17.68 -7.77 5.44
CA LEU C 143 17.00 -8.24 6.64
C LEU C 143 15.77 -9.10 6.32
N ARG C 144 15.61 -10.18 7.09
CA ARG C 144 14.54 -11.15 6.91
C ARG C 144 13.62 -11.11 8.13
N CYS C 145 12.45 -10.51 7.97
CA CYS C 145 11.36 -10.57 8.94
C CYS C 145 10.30 -11.52 8.42
N ASP C 146 9.94 -12.53 9.20
CA ASP C 146 9.14 -13.63 8.71
C ASP C 146 7.71 -13.65 9.22
N GLU C 147 7.41 -12.99 10.33
CA GLU C 147 6.03 -12.87 10.77
C GLU C 147 5.83 -11.54 11.47
N LEU C 148 4.60 -11.02 11.39
CA LEU C 148 4.20 -9.84 12.14
C LEU C 148 3.89 -10.28 13.56
N VAL C 149 4.83 -10.09 14.47
CA VAL C 149 4.67 -10.54 15.84
C VAL C 149 3.57 -9.72 16.51
N ARG C 150 2.53 -10.41 17.01
CA ARG C 150 1.40 -9.73 17.61
C ARG C 150 1.77 -9.12 18.96
N THR C 151 1.51 -7.83 19.12
CA THR C 151 1.39 -7.20 20.43
C THR C 151 0.05 -7.59 21.04
N HIS C 152 0.07 -8.22 22.21
CA HIS C 152 -1.15 -8.73 22.83
C HIS C 152 -1.49 -8.08 24.16
N HIS C 153 -0.56 -7.37 24.79
CA HIS C 153 -0.80 -6.71 26.08
C HIS C 153 -0.28 -5.28 26.01
N ILE C 154 -1.09 -4.32 26.46
CA ILE C 154 -0.71 -2.92 26.47
C ILE C 154 -1.03 -2.32 27.83
N LEU C 155 -0.02 -1.78 28.49
CA LEU C 155 -0.17 -1.04 29.74
C LEU C 155 -0.25 0.46 29.44
N ILE C 156 -1.39 1.08 29.77
CA ILE C 156 -1.53 2.53 29.66
C ILE C 156 -1.48 3.11 31.08
N ASP C 157 -0.37 3.75 31.43
CA ASP C 157 -0.22 4.41 32.72
C ASP C 157 -0.50 5.90 32.54
N LEU C 158 -1.61 6.37 33.12
CA LEU C 158 -1.97 7.78 33.13
C LEU C 158 -1.74 8.38 34.50
N ARG C 159 -1.16 9.59 34.54
CA ARG C 159 -1.18 10.42 35.73
C ARG C 159 -2.14 11.58 35.52
N HIS C 160 -2.91 11.88 36.57
CA HIS C 160 -3.97 12.88 36.50
C HIS C 160 -3.69 14.00 37.49
N ARG C 161 -4.04 15.24 37.10
CA ARG C 161 -3.90 16.41 37.96
C ARG C 161 -4.47 16.11 39.33
N PRO C 162 -3.65 16.04 40.38
CA PRO C 162 -4.17 15.70 41.70
C PRO C 162 -5.31 16.60 42.11
N THR C 163 -6.29 16.01 42.80
CA THR C 163 -7.44 16.72 43.33
C THR C 163 -7.47 16.57 44.84
N ALA C 164 -8.15 17.51 45.50
CA ALA C 164 -8.41 17.40 46.93
C ALA C 164 -9.00 16.04 47.27
N GLY C 165 -10.12 15.70 46.64
CA GLY C 165 -10.75 14.40 46.84
C GLY C 165 -10.58 13.48 45.65
N ALA C 166 -9.76 12.44 45.81
CA ALA C 166 -9.55 11.45 44.77
C ALA C 166 -10.87 10.81 44.36
N PHE C 167 -10.86 10.19 43.18
CA PHE C 167 -12.09 9.69 42.61
C PHE C 167 -12.46 8.34 43.20
N ASN C 168 -13.74 8.00 43.10
CA ASN C 168 -14.23 6.69 43.48
C ASN C 168 -13.77 5.65 42.46
N HIS C 169 -12.97 4.69 42.91
CA HIS C 169 -12.47 3.61 42.07
C HIS C 169 -13.55 3.04 41.17
N SER C 170 -14.66 2.61 41.78
CA SER C 170 -15.82 2.09 41.06
C SER C 170 -16.17 2.94 39.83
N ASP C 171 -16.39 4.24 40.04
CA ASP C 171 -16.80 5.10 38.93
C ASP C 171 -15.70 5.26 37.89
N LEU C 172 -14.47 5.52 38.35
CA LEU C 172 -13.33 5.63 37.44
C LEU C 172 -13.21 4.39 36.55
N ASP C 173 -13.35 3.20 37.13
CA ASP C 173 -13.32 1.97 36.35
C ASP C 173 -14.49 1.92 35.37
N ALA C 174 -15.71 2.00 35.91
CA ALA C 174 -16.95 2.04 35.13
C ALA C 174 -16.85 2.99 33.95
N GLU C 175 -16.25 4.17 34.16
CA GLU C 175 -16.27 5.20 33.13
C GLU C 175 -15.17 4.97 32.09
N LEU C 176 -14.00 4.49 32.51
CA LEU C 176 -12.98 4.11 31.53
C LEU C 176 -13.43 2.94 30.67
N ARG C 177 -14.11 1.96 31.28
CA ARG C 177 -14.60 0.81 30.52
C ARG C 177 -15.65 1.23 29.50
N ARG C 178 -16.61 2.07 29.92
CA ARG C 178 -17.53 2.70 28.98
C ARG C 178 -16.79 3.37 27.84
N LEU C 179 -15.77 4.17 28.17
CA LEU C 179 -15.02 4.94 27.19
C LEU C 179 -14.47 4.06 26.07
N PHE C 180 -13.68 3.04 26.43
CA PHE C 180 -13.16 2.12 25.43
C PHE C 180 -14.28 1.41 24.67
N ARG C 181 -15.36 1.04 25.37
CA ARG C 181 -16.47 0.35 24.72
C ARG C 181 -17.15 1.25 23.69
N GLU C 182 -17.62 2.42 24.13
CA GLU C 182 -18.46 3.27 23.29
C GLU C 182 -17.64 4.08 22.29
N ARG C 183 -16.62 4.79 22.77
CA ARG C 183 -15.91 5.74 21.91
C ARG C 183 -14.96 5.03 20.96
N TYR C 184 -14.20 4.05 21.44
CA TYR C 184 -13.23 3.34 20.63
C TYR C 184 -13.75 2.00 20.12
N ARG C 185 -15.02 1.68 20.40
CA ARG C 185 -15.69 0.50 19.85
C ARG C 185 -14.92 -0.78 20.14
N LEU C 186 -14.29 -0.85 21.31
CA LEU C 186 -13.53 -2.03 21.72
C LEU C 186 -14.40 -2.91 22.61
N HIS C 187 -14.37 -4.21 22.34
CA HIS C 187 -15.20 -5.15 23.09
C HIS C 187 -14.77 -5.16 24.55
N PRO C 188 -15.73 -5.18 25.49
CA PRO C 188 -15.38 -5.23 26.92
C PRO C 188 -14.43 -6.35 27.29
N LYS C 189 -14.48 -7.49 26.59
CA LYS C 189 -13.62 -8.63 26.91
C LYS C 189 -12.14 -8.35 26.73
N PHE C 190 -11.77 -7.19 26.15
CA PHE C 190 -10.38 -6.90 25.86
C PHE C 190 -9.77 -5.86 26.79
N VAL C 191 -10.59 -5.21 27.63
CA VAL C 191 -10.07 -4.37 28.70
C VAL C 191 -9.89 -5.30 29.90
N ALA C 192 -8.64 -5.71 30.15
CA ALA C 192 -8.37 -6.74 31.14
C ALA C 192 -8.64 -6.24 32.55
N ALA C 193 -8.12 -5.06 32.88
CA ALA C 193 -8.22 -4.55 34.24
C ALA C 193 -8.02 -3.04 34.21
N VAL C 194 -8.46 -2.39 35.29
CA VAL C 194 -8.30 -0.95 35.47
C VAL C 194 -7.92 -0.74 36.93
N HIS C 195 -6.66 -0.38 37.17
CA HIS C 195 -6.13 -0.12 38.50
C HIS C 195 -6.25 1.36 38.82
N TYR C 196 -6.28 1.66 40.12
CA TYR C 196 -6.33 3.06 40.54
C TYR C 196 -5.79 3.20 41.95
N GLU C 197 -4.77 4.04 42.08
CA GLU C 197 -4.10 4.47 43.30
C GLU C 197 -4.11 5.99 43.24
N GLN C 198 -3.40 6.64 44.16
CA GLN C 198 -3.30 8.09 44.04
C GLN C 198 -2.42 8.30 42.80
N PRO C 199 -2.18 9.52 42.33
CA PRO C 199 -2.68 9.92 41.01
C PRO C 199 -2.67 8.85 39.92
N THR C 200 -1.59 8.08 39.74
CA THR C 200 -1.47 7.26 38.53
C THR C 200 -2.66 6.33 38.35
N ILE C 201 -3.17 6.28 37.11
CA ILE C 201 -4.26 5.40 36.67
C ILE C 201 -3.70 4.45 35.62
N GLN C 202 -4.21 3.21 35.61
CA GLN C 202 -3.70 2.21 34.66
C GLN C 202 -4.84 1.44 34.02
N ILE C 203 -4.76 1.27 32.70
CA ILE C 203 -5.66 0.43 31.93
C ILE C 203 -4.84 -0.69 31.29
N GLU C 204 -5.21 -1.93 31.56
CA GLU C 204 -4.59 -3.09 30.91
C GLU C 204 -5.47 -3.58 29.78
N LEU C 205 -4.89 -3.75 28.60
CA LEU C 205 -5.58 -4.31 27.44
C LEU C 205 -4.94 -5.64 27.07
N ARG C 206 -5.77 -6.66 26.86
CA ARG C 206 -5.29 -7.99 26.47
C ARG C 206 -6.03 -8.45 25.22
N GLN C 207 -5.29 -8.74 24.16
CA GLN C 207 -5.90 -9.37 22.98
C GLN C 207 -4.85 -10.29 22.34
N ASN C 208 -4.92 -11.57 22.70
CA ASN C 208 -4.23 -12.61 21.94
C ASN C 208 -4.72 -12.66 20.50
N THR C 209 -3.93 -13.27 19.64
CA THR C 209 -4.41 -13.56 18.29
C THR C 209 -5.52 -14.61 18.33
N SER C 210 -5.44 -15.57 19.25
CA SER C 210 -6.46 -16.60 19.39
C SER C 210 -7.85 -16.05 19.65
N GLN C 211 -7.96 -14.80 20.11
CA GLN C 211 -9.25 -14.28 20.56
C GLN C 211 -9.78 -13.10 19.74
N LYS C 212 -9.01 -12.59 18.79
CA LYS C 212 -9.49 -11.51 17.94
C LYS C 212 -10.17 -12.10 16.71
N ALA C 213 -11.46 -11.82 16.55
CA ALA C 213 -12.24 -12.34 15.44
C ALA C 213 -12.26 -11.35 14.29
N ALA C 214 -13.06 -11.65 13.26
CA ALA C 214 -13.37 -10.72 12.19
C ALA C 214 -13.82 -9.37 12.74
N GLY C 215 -13.16 -8.31 12.27
CA GLY C 215 -13.58 -6.94 12.52
C GLY C 215 -13.64 -6.48 13.96
N ASP C 216 -13.20 -7.31 14.90
CA ASP C 216 -12.89 -6.82 16.23
C ASP C 216 -11.82 -5.74 16.13
N VAL C 217 -12.07 -4.58 16.74
CA VAL C 217 -11.09 -3.52 16.69
C VAL C 217 -9.88 -3.90 17.55
N ASP C 218 -8.69 -3.61 17.05
CA ASP C 218 -7.46 -4.02 17.71
C ASP C 218 -7.17 -3.12 18.91
N ILE C 219 -6.59 -3.72 19.94
CA ILE C 219 -6.17 -2.96 21.11
C ILE C 219 -5.09 -1.95 20.73
N GLY C 220 -4.21 -2.34 19.80
CA GLY C 220 -3.26 -1.45 19.17
C GLY C 220 -3.88 -0.13 18.74
N ASP C 221 -5.04 -0.20 18.09
CA ASP C 221 -5.66 0.99 17.52
C ASP C 221 -6.47 1.74 18.57
N ALA C 222 -7.29 1.01 19.34
CA ALA C 222 -7.96 1.60 20.49
C ALA C 222 -7.00 2.43 21.34
N ALA C 223 -5.85 1.84 21.69
CA ALA C 223 -4.80 2.56 22.39
C ALA C 223 -4.45 3.87 21.69
N TYR C 224 -4.09 3.78 20.41
CA TYR C 224 -3.61 4.96 19.67
C TYR C 224 -4.66 6.07 19.66
N TYR C 225 -5.91 5.71 19.35
CA TYR C 225 -7.00 6.69 19.42
C TYR C 225 -7.07 7.35 20.80
N PHE C 226 -6.89 6.56 21.86
CA PHE C 226 -6.88 7.09 23.22
C PHE C 226 -5.75 8.11 23.38
N GLU C 227 -4.51 7.70 23.11
CA GLU C 227 -3.36 8.58 23.23
C GLU C 227 -3.57 9.90 22.51
N ARG C 228 -3.95 9.85 21.22
CA ARG C 228 -4.23 11.07 20.46
C ARG C 228 -5.25 11.94 21.19
N ASP C 229 -6.39 11.36 21.57
CA ASP C 229 -7.38 12.05 22.37
C ASP C 229 -6.75 12.70 23.60
N ILE C 230 -6.03 11.90 24.40
CA ILE C 230 -5.48 12.38 25.67
C ILE C 230 -4.62 13.62 25.46
N LYS C 231 -3.75 13.59 24.44
CA LYS C 231 -2.90 14.75 24.16
C LYS C 231 -3.63 15.82 23.36
N GLY C 232 -4.95 15.72 23.25
CA GLY C 232 -5.77 16.72 22.59
C GLY C 232 -5.51 16.85 21.10
N GLU C 233 -5.46 15.72 20.40
CA GLU C 233 -5.39 15.69 18.94
C GLU C 233 -6.36 14.65 18.40
N SER C 234 -7.55 14.58 19.00
CA SER C 234 -8.56 13.58 18.65
C SER C 234 -8.68 13.38 17.15
N LEU C 235 -8.69 12.11 16.73
CA LEU C 235 -8.84 11.76 15.33
C LEU C 235 -10.29 11.77 14.86
N PHE C 236 -11.24 12.04 15.76
CA PHE C 236 -12.65 11.98 15.42
C PHE C 236 -13.09 13.27 14.71
N GLN C 237 -13.79 13.10 13.59
CA GLN C 237 -14.23 14.21 12.74
C GLN C 237 -15.68 14.56 13.09
N GLY C 238 -15.85 15.30 14.18
CA GLY C 238 -17.16 15.77 14.57
C GLY C 238 -17.50 15.69 16.04
N ARG C 239 -16.92 14.73 16.77
CA ARG C 239 -16.98 14.75 18.23
C ARG C 239 -15.65 15.18 18.84
N GLY C 240 -14.87 15.98 18.11
CA GLY C 240 -13.51 16.29 18.53
C GLY C 240 -13.39 16.85 19.93
N GLY C 241 -12.79 16.06 20.82
CA GLY C 241 -12.47 16.49 22.17
C GLY C 241 -12.68 15.36 23.15
N LEU C 242 -11.72 15.09 24.03
CA LEU C 242 -11.93 14.10 25.10
C LEU C 242 -12.27 14.88 26.36
N ASP C 243 -13.56 14.90 26.74
CA ASP C 243 -13.93 15.55 28.00
C ASP C 243 -13.37 14.78 29.20
N LEU C 244 -13.68 13.49 29.29
CA LEU C 244 -13.10 12.59 30.31
C LEU C 244 -13.38 13.09 31.73
N ARG C 245 -14.64 13.19 32.08
CA ARG C 245 -15.03 13.62 33.41
C ARG C 245 -15.80 12.51 34.10
N VAL C 246 -15.42 12.23 35.34
CA VAL C 246 -15.94 11.11 36.12
C VAL C 246 -16.90 11.68 37.17
N ARG C 247 -18.15 11.23 37.14
CA ARG C 247 -19.19 11.71 38.06
C ARG C 247 -19.24 13.23 38.07
N GLY C 248 -19.08 13.84 36.91
CA GLY C 248 -19.07 15.29 36.75
C GLY C 248 -17.71 15.93 36.84
N GLU C 249 -16.91 15.54 37.82
CA GLU C 249 -15.58 16.13 38.00
C GLU C 249 -14.69 15.79 36.82
N PRO C 250 -14.07 16.78 36.17
CA PRO C 250 -13.18 16.49 35.04
C PRO C 250 -11.92 15.79 35.50
N LEU C 251 -11.39 14.94 34.61
CA LEU C 251 -10.17 14.17 34.87
C LEU C 251 -9.12 14.62 33.86
N GLN C 252 -8.36 15.64 34.23
CA GLN C 252 -7.23 16.08 33.42
C GLN C 252 -6.05 15.15 33.62
N VAL C 253 -5.41 14.78 32.52
CA VAL C 253 -4.28 13.86 32.52
C VAL C 253 -3.01 14.65 32.24
N GLU C 254 -1.97 14.40 33.04
CA GLU C 254 -0.73 15.16 32.99
C GLU C 254 0.43 14.39 32.39
N ARG C 255 0.45 13.07 32.52
CA ARG C 255 1.50 12.24 31.94
C ARG C 255 0.89 10.95 31.44
N THR C 256 1.42 10.45 30.32
CA THR C 256 0.85 9.29 29.64
C THR C 256 1.98 8.42 29.12
N LEU C 257 2.06 7.18 29.58
CA LEU C 257 3.04 6.22 29.10
C LEU C 257 2.36 4.93 28.75
N ILE C 258 2.85 4.28 27.70
CA ILE C 258 2.19 3.13 27.07
C ILE C 258 3.25 2.07 26.78
N TYR C 259 3.03 0.85 27.27
CA TYR C 259 4.01 -0.22 27.20
C TYR C 259 3.40 -1.40 26.44
N TYR C 260 4.05 -1.78 25.35
CA TYR C 260 3.56 -2.82 24.45
C TYR C 260 4.28 -4.14 24.72
N LEU C 261 3.51 -5.16 25.11
CA LEU C 261 4.04 -6.50 25.33
C LEU C 261 3.63 -7.40 24.16
N ASP C 262 4.61 -8.09 23.58
CA ASP C 262 4.39 -8.92 22.40
C ASP C 262 4.37 -10.40 22.76
N GLU C 263 3.65 -11.18 21.95
CA GLU C 263 3.60 -12.62 22.15
C GLU C 263 4.97 -13.28 22.09
N ILE C 264 5.95 -12.61 21.50
CA ILE C 264 7.32 -13.14 21.42
C ILE C 264 8.27 -12.02 21.83
N PRO C 265 9.21 -12.28 22.73
CA PRO C 265 10.08 -11.21 23.23
C PRO C 265 11.01 -10.71 22.15
N PRO C 266 11.28 -9.40 22.12
CA PRO C 266 12.18 -8.84 21.10
C PRO C 266 13.57 -9.43 21.19
N LYS C 267 14.36 -9.17 20.14
CA LYS C 267 15.69 -9.74 19.99
C LYS C 267 16.69 -8.60 19.81
N PHE C 268 17.20 -8.11 20.92
CA PHE C 268 18.23 -7.08 20.92
C PHE C 268 19.58 -7.68 21.31
N ASP D 32 1.44 31.19 50.92
CA ASP D 32 0.10 31.56 50.49
C ASP D 32 -0.60 30.37 49.81
N ASN D 33 0.10 29.76 48.86
CA ASN D 33 -0.45 28.63 48.11
C ASN D 33 0.71 27.84 47.52
N CYS D 34 0.84 26.59 47.92
CA CYS D 34 1.95 25.75 47.47
C CYS D 34 1.72 25.37 46.02
N THR D 35 2.41 26.06 45.11
CA THR D 35 2.27 25.84 43.68
C THR D 35 3.63 26.06 43.01
N CYS D 36 4.01 25.13 42.14
CA CYS D 36 5.23 25.26 41.37
C CYS D 36 4.85 25.47 39.91
N PRO D 37 4.45 26.68 39.52
CA PRO D 37 3.88 26.89 38.19
C PRO D 37 4.77 26.47 37.03
N THR D 38 6.10 26.59 37.17
CA THR D 38 6.99 26.29 36.07
C THR D 38 7.30 24.80 35.95
N ASN D 39 6.89 23.99 36.92
CA ASN D 39 7.13 22.55 36.87
C ASN D 39 6.03 21.86 37.67
N LYS D 40 5.11 21.21 36.96
CA LYS D 40 4.00 20.51 37.60
C LYS D 40 4.38 19.10 38.04
N MET D 41 5.51 18.59 37.57
CA MET D 41 5.98 17.26 37.95
C MET D 41 6.83 17.36 39.22
N THR D 42 6.20 17.81 40.30
CA THR D 42 6.87 17.97 41.58
C THR D 42 5.90 17.58 42.68
N VAL D 43 6.29 17.88 43.93
CA VAL D 43 5.45 17.72 45.11
C VAL D 43 5.77 18.89 46.03
N CYS D 44 4.82 19.77 46.27
CA CYS D 44 5.00 20.78 47.30
C CYS D 44 4.23 20.39 48.57
N SER D 45 4.47 21.17 49.62
CA SER D 45 3.63 21.19 50.81
C SER D 45 4.14 22.32 51.71
N PRO D 46 3.28 22.86 52.60
CA PRO D 46 3.73 23.86 53.59
C PRO D 46 4.26 23.23 54.88
N ASP D 47 5.23 22.33 54.74
CA ASP D 47 5.85 21.66 55.88
C ASP D 47 7.19 22.27 56.28
N GLY D 48 7.42 23.55 55.98
CA GLY D 48 8.71 24.14 56.22
C GLY D 48 8.71 25.12 57.39
N PRO D 49 9.84 25.78 57.62
CA PRO D 49 9.94 26.73 58.75
C PRO D 49 8.87 27.82 58.64
N GLY D 50 7.98 27.83 59.62
CA GLY D 50 6.89 28.80 59.63
C GLY D 50 5.94 28.58 58.46
N GLY D 51 5.59 27.32 58.18
CA GLY D 51 4.71 27.00 57.09
C GLY D 51 5.32 27.11 55.70
N ARG D 52 6.62 27.44 55.60
CA ARG D 52 7.31 27.59 54.32
C ARG D 52 6.96 26.49 53.34
N CYS D 53 6.48 26.88 52.15
CA CYS D 53 6.23 25.92 51.08
C CYS D 53 7.53 25.22 50.66
N GLN D 54 7.62 23.91 50.88
CA GLN D 54 8.73 23.10 50.39
C GLN D 54 8.24 22.26 49.21
N CYS D 55 9.00 22.27 48.12
CA CYS D 55 8.61 21.61 46.88
C CYS D 55 9.80 20.91 46.25
N ARG D 56 9.58 19.75 45.65
CA ARG D 56 10.66 18.92 45.15
C ARG D 56 10.22 18.14 43.92
N ALA D 57 11.17 17.93 43.01
CA ALA D 57 10.90 17.26 41.74
C ALA D 57 10.59 15.78 41.94
N LEU D 58 9.47 15.32 41.35
CA LEU D 58 9.16 13.90 41.30
C LEU D 58 10.35 13.09 40.79
N GLY D 59 10.57 11.93 41.40
CA GLY D 59 11.37 10.85 40.87
C GLY D 59 12.86 11.05 41.06
N SER D 60 13.27 12.31 41.08
CA SER D 60 14.62 12.73 41.47
C SER D 60 14.73 13.00 42.96
N GLY D 61 13.69 13.61 43.54
CA GLY D 61 13.79 14.25 44.84
C GLY D 61 14.67 15.47 44.85
N MET D 62 15.01 16.01 43.68
CA MET D 62 15.88 17.16 43.55
C MET D 62 15.14 18.46 43.90
N ALA D 63 15.94 19.48 44.19
CA ALA D 63 15.43 20.83 44.39
C ALA D 63 15.04 21.45 43.06
N VAL D 64 14.05 22.34 43.09
CA VAL D 64 13.42 22.84 41.88
C VAL D 64 13.22 24.35 42.00
N ASP D 65 13.60 25.06 40.95
CA ASP D 65 13.40 26.51 40.84
C ASP D 65 12.04 26.72 40.21
N CYS D 66 11.07 27.11 41.04
CA CYS D 66 9.68 27.26 40.62
C CYS D 66 9.41 28.62 39.99
N SER D 67 10.47 29.31 39.58
CA SER D 67 10.37 30.57 38.86
C SER D 67 10.85 30.48 37.42
N THR D 68 11.85 29.68 37.12
CA THR D 68 12.26 29.44 35.75
C THR D 68 12.07 27.96 35.40
N LEU D 69 12.47 27.62 34.17
CA LEU D 69 12.45 26.24 33.69
C LEU D 69 13.25 25.32 34.60
N THR D 70 12.77 24.09 34.74
CA THR D 70 13.57 23.02 35.31
C THR D 70 14.39 22.37 34.18
N SER D 71 15.56 21.84 34.54
CA SER D 71 16.40 21.15 33.56
C SER D 71 15.66 19.96 32.96
N LYS D 72 15.95 19.69 31.68
CA LYS D 72 15.35 18.56 30.99
C LYS D 72 15.60 17.26 31.74
N CYS D 73 16.87 16.98 32.06
CA CYS D 73 17.24 15.77 32.80
C CYS D 73 16.31 15.52 33.99
N LEU D 74 16.08 16.54 34.81
CA LEU D 74 15.20 16.40 35.96
C LEU D 74 13.77 16.07 35.57
N LEU D 75 13.36 16.43 34.35
CA LEU D 75 12.00 16.18 33.91
C LEU D 75 11.82 14.74 33.40
N LEU D 76 12.74 14.30 32.53
CA LEU D 76 12.80 12.88 32.16
C LEU D 76 12.74 12.00 33.39
N LYS D 77 13.60 12.26 34.38
CA LYS D 77 13.60 11.58 35.67
C LYS D 77 12.18 11.46 36.24
N ALA D 78 11.40 12.55 36.15
CA ALA D 78 10.05 12.54 36.71
C ALA D 78 9.04 11.88 35.79
N ARG D 79 9.30 11.85 34.48
CA ARG D 79 8.45 11.08 33.58
C ARG D 79 8.50 9.59 33.89
N MET D 80 9.67 9.11 34.33
CA MET D 80 9.92 7.70 34.61
C MET D 80 9.64 7.32 36.07
N SER D 81 8.91 8.17 36.80
CA SER D 81 8.81 8.13 38.26
C SER D 81 8.69 6.72 38.86
N ALA D 82 7.79 5.88 38.33
CA ALA D 82 7.59 4.54 38.89
C ALA D 82 7.19 4.59 40.36
N PRO D 83 6.00 5.10 40.68
CA PRO D 83 5.64 5.44 42.07
C PRO D 83 6.00 4.38 43.10
N LYS D 84 6.44 4.86 44.26
CA LYS D 84 7.27 4.11 45.20
C LYS D 84 6.78 2.68 45.45
N ASN D 85 5.56 2.53 45.96
CA ASN D 85 4.90 1.22 46.03
C ASN D 85 3.70 1.25 45.10
N ALA D 86 3.66 0.33 44.14
CA ALA D 86 2.50 0.27 43.25
C ALA D 86 1.23 -0.05 44.03
N ARG D 87 1.19 -1.23 44.64
CA ARG D 87 0.41 -1.75 45.76
C ARG D 87 -1.08 -1.95 45.47
N THR D 88 -1.58 -1.58 44.29
CA THR D 88 -2.41 -2.43 43.44
C THR D 88 -1.85 -2.51 42.03
N LEU D 89 -0.97 -1.58 41.67
CA LEU D 89 -0.53 -1.34 40.31
C LEU D 89 0.39 -2.45 39.86
N VAL D 90 0.61 -2.48 38.55
CA VAL D 90 1.53 -3.42 37.95
C VAL D 90 2.68 -2.63 37.36
N ARG D 91 3.77 -3.33 37.09
CA ARG D 91 4.98 -2.71 36.59
C ARG D 91 5.23 -3.20 35.18
N PRO D 92 5.55 -2.31 34.23
CA PRO D 92 5.83 -2.76 32.86
C PRO D 92 6.86 -3.87 32.86
N SER D 93 6.67 -4.84 31.97
CA SER D 93 7.54 -5.99 31.95
C SER D 93 8.95 -5.61 31.55
N GLU D 94 9.90 -6.50 31.84
CA GLU D 94 11.25 -6.35 31.34
C GLU D 94 11.32 -6.42 29.81
N HIS D 95 10.25 -6.88 29.15
CA HIS D 95 10.25 -7.03 27.72
C HIS D 95 9.37 -6.03 26.99
N ALA D 96 8.44 -5.37 27.70
CA ALA D 96 7.66 -4.30 27.09
C ALA D 96 8.56 -3.26 26.44
N LEU D 97 8.07 -2.64 25.37
CA LEU D 97 8.73 -1.52 24.75
C LEU D 97 7.77 -0.33 24.70
N VAL D 98 8.27 0.82 24.28
CA VAL D 98 7.47 2.02 24.13
C VAL D 98 7.64 2.54 22.71
N ASP D 99 6.87 3.58 22.38
CA ASP D 99 6.95 4.19 21.06
C ASP D 99 8.31 4.82 20.79
N ASN D 100 8.97 5.33 21.83
CA ASN D 100 10.15 6.19 21.68
C ASN D 100 11.35 5.46 22.26
N ASP D 101 12.18 4.91 21.38
CA ASP D 101 13.36 4.15 21.79
C ASP D 101 14.33 4.99 22.61
N GLY D 102 14.30 6.31 22.48
CA GLY D 102 15.20 7.18 23.20
C GLY D 102 14.62 7.83 24.44
N LEU D 103 13.47 7.36 24.91
CA LEU D 103 13.02 7.68 26.27
C LEU D 103 13.74 6.77 27.26
N TYR D 104 14.27 7.35 28.33
CA TYR D 104 14.93 6.57 29.36
C TYR D 104 14.97 7.37 30.66
N ASP D 105 15.38 6.70 31.73
CA ASP D 105 15.56 7.31 33.04
C ASP D 105 17.01 7.76 33.19
N PRO D 106 17.30 9.05 33.08
CA PRO D 106 18.70 9.50 33.10
C PRO D 106 19.22 9.80 34.50
N ASP D 107 20.55 9.73 34.62
CA ASP D 107 21.27 10.21 35.80
C ASP D 107 21.63 11.68 35.60
N CYS D 108 21.27 12.52 36.57
CA CYS D 108 21.53 13.95 36.49
C CYS D 108 22.52 14.37 37.57
N ASP D 109 23.54 15.12 37.17
CA ASP D 109 24.54 15.69 38.07
C ASP D 109 23.88 16.63 39.08
N PRO D 110 24.57 17.02 40.18
CA PRO D 110 23.94 17.87 41.19
C PRO D 110 23.56 19.27 40.71
N GLU D 111 23.89 19.62 39.47
CA GLU D 111 23.47 20.91 38.92
C GLU D 111 22.16 20.83 38.15
N GLY D 112 21.73 19.63 37.76
CA GLY D 112 20.49 19.42 37.05
C GLY D 112 20.67 19.00 35.61
N ARG D 113 21.84 19.22 35.02
CA ARG D 113 22.12 18.82 33.66
C ARG D 113 22.45 17.32 33.61
N PHE D 114 22.46 16.77 32.41
CA PHE D 114 22.69 15.34 32.23
C PHE D 114 24.10 14.97 32.63
N LYS D 115 24.25 13.78 33.21
CA LYS D 115 25.57 13.16 33.32
C LYS D 115 26.04 12.74 31.93
N ALA D 116 27.27 13.14 31.58
CA ALA D 116 27.78 12.90 30.24
C ALA D 116 27.86 11.41 29.90
N ARG D 117 27.77 10.53 30.90
CA ARG D 117 27.70 9.09 30.67
C ARG D 117 26.39 8.57 31.24
N GLN D 118 25.67 7.76 30.47
CA GLN D 118 24.40 7.20 30.89
C GLN D 118 24.37 5.70 30.61
N CYS D 119 24.26 4.90 31.67
CA CYS D 119 23.80 3.52 31.52
C CYS D 119 22.35 3.44 32.00
N ASN D 120 21.57 2.58 31.36
CA ASN D 120 20.34 2.07 31.96
C ASN D 120 20.39 0.57 32.19
N GLN D 121 20.72 -0.20 31.16
CA GLN D 121 20.76 -1.65 31.24
C GLN D 121 21.79 -2.10 32.28
N THR D 122 21.68 -3.38 32.67
CA THR D 122 22.68 -4.02 33.52
C THR D 122 24.11 -3.66 33.13
N SER D 123 24.47 -3.85 31.86
CA SER D 123 25.85 -3.70 31.41
C SER D 123 25.95 -2.92 30.11
N VAL D 124 25.19 -1.83 29.95
CA VAL D 124 25.16 -1.10 28.69
C VAL D 124 25.20 0.40 28.99
N CYS D 125 26.32 1.05 28.64
CA CYS D 125 26.53 2.47 28.85
C CYS D 125 26.86 3.18 27.55
N TRP D 126 26.46 4.45 27.45
CA TRP D 126 26.84 5.30 26.33
C TRP D 126 27.16 6.69 26.87
N CYS D 127 27.39 7.63 25.95
CA CYS D 127 27.59 9.04 26.25
C CYS D 127 26.51 9.87 25.58
N VAL D 128 26.23 11.06 26.14
CA VAL D 128 25.14 11.90 25.66
C VAL D 128 25.59 13.36 25.62
N ASN D 129 24.77 14.16 24.95
CA ASN D 129 24.97 15.61 24.80
C ASN D 129 24.26 16.37 25.91
N SER D 130 24.35 17.71 25.84
CA SER D 130 23.66 18.61 26.75
C SER D 130 22.15 18.46 26.72
N VAL D 131 21.61 17.69 25.77
CA VAL D 131 20.17 17.57 25.62
C VAL D 131 19.66 16.15 25.88
N GLY D 132 20.53 15.14 25.91
CA GLY D 132 20.18 13.84 26.44
C GLY D 132 20.35 12.66 25.49
N VAL D 133 20.50 12.87 24.20
CA VAL D 133 20.43 11.77 23.24
C VAL D 133 21.82 11.18 23.01
N ARG D 134 21.86 9.84 22.99
CA ARG D 134 23.07 9.07 22.74
C ARG D 134 23.81 9.54 21.48
N ARG D 135 25.05 9.98 21.66
CA ARG D 135 25.86 10.52 20.56
C ARG D 135 27.04 9.62 20.22
N THR D 136 27.02 8.36 20.65
CA THR D 136 28.12 7.42 20.41
C THR D 136 27.57 6.00 20.43
N ASP D 137 28.44 5.06 20.09
CA ASP D 137 28.10 3.64 20.13
C ASP D 137 27.80 3.20 21.56
N LYS D 138 26.98 2.16 21.67
CA LYS D 138 26.62 1.62 22.99
C LYS D 138 27.75 0.71 23.47
N GLY D 139 28.36 1.08 24.58
CA GLY D 139 29.54 0.43 25.11
C GLY D 139 29.23 -0.48 26.29
N ASP D 140 30.22 -0.61 27.17
CA ASP D 140 30.16 -1.48 28.34
C ASP D 140 30.51 -0.68 29.58
N LEU D 141 30.66 -1.35 30.73
CA LEU D 141 30.74 -0.66 32.00
C LEU D 141 32.10 -0.01 32.25
N SER D 142 33.11 -0.33 31.44
CA SER D 142 34.37 0.39 31.48
C SER D 142 34.49 1.41 30.35
N LEU D 143 33.35 1.94 29.88
CA LEU D 143 33.31 3.06 28.96
C LEU D 143 33.27 4.37 29.74
N ARG D 144 34.26 5.23 29.52
CA ARG D 144 34.29 6.54 30.13
C ARG D 144 34.00 7.61 29.08
N CYS D 145 33.41 8.72 29.52
CA CYS D 145 33.10 9.86 28.67
C CYS D 145 33.72 11.08 29.34
N ASP D 146 34.41 11.91 28.57
CA ASP D 146 35.35 12.86 29.14
C ASP D 146 34.92 14.32 28.96
N GLU D 147 33.66 14.57 28.62
CA GLU D 147 33.05 15.89 28.75
C GLU D 147 31.58 15.78 28.38
N LEU D 148 30.81 16.77 28.82
CA LEU D 148 29.41 16.93 28.45
C LEU D 148 29.36 17.73 27.15
N VAL D 149 29.31 17.03 26.02
CA VAL D 149 29.32 17.71 24.72
C VAL D 149 28.08 18.58 24.61
N ARG D 150 28.28 19.90 24.51
CA ARG D 150 27.17 20.84 24.42
C ARG D 150 26.31 20.55 23.19
N THR D 151 25.04 20.95 23.27
CA THR D 151 24.14 21.06 22.13
C THR D 151 23.89 22.55 21.89
N HIS D 152 24.47 23.08 20.82
CA HIS D 152 24.44 24.53 20.61
C HIS D 152 23.43 24.99 19.57
N HIS D 153 22.95 24.11 18.70
CA HIS D 153 21.95 24.49 17.71
C HIS D 153 20.86 23.43 17.65
N ILE D 154 19.60 23.86 17.80
CA ILE D 154 18.45 22.97 17.75
C ILE D 154 17.54 23.40 16.60
N LEU D 155 17.08 22.42 15.81
CA LEU D 155 16.09 22.64 14.76
C LEU D 155 14.74 22.13 15.23
N ILE D 156 13.75 23.02 15.30
CA ILE D 156 12.38 22.65 15.67
C ILE D 156 11.51 22.72 14.41
N ASP D 157 11.12 21.56 13.90
CA ASP D 157 10.25 21.47 12.71
C ASP D 157 8.83 21.12 13.14
N LEU D 158 7.88 22.00 12.80
CA LEU D 158 6.47 21.80 13.11
C LEU D 158 5.64 21.84 11.83
N ARG D 159 4.73 20.88 11.67
CA ARG D 159 3.70 20.93 10.64
C ARG D 159 2.34 21.17 11.30
N HIS D 160 1.68 22.25 10.91
CA HIS D 160 0.35 22.57 11.44
C HIS D 160 -0.76 21.98 10.56
N ARG D 161 -1.86 21.62 11.22
CA ARG D 161 -3.06 21.17 10.52
C ARG D 161 -3.46 22.17 9.44
N PRO D 162 -3.84 21.70 8.26
CA PRO D 162 -4.15 22.63 7.16
C PRO D 162 -5.28 23.59 7.48
N THR D 163 -5.15 24.81 6.97
CA THR D 163 -6.22 25.80 6.88
C THR D 163 -6.32 26.24 5.42
N ALA D 164 -7.47 26.84 5.08
CA ALA D 164 -7.74 27.22 3.70
C ALA D 164 -6.56 27.92 3.03
N GLY D 165 -5.77 28.65 3.80
CA GLY D 165 -4.51 29.15 3.27
C GLY D 165 -3.55 29.43 4.40
N ALA D 166 -2.39 29.98 4.04
CA ALA D 166 -1.28 30.10 4.97
C ALA D 166 -1.47 31.28 5.91
N PHE D 167 -0.45 31.55 6.71
CA PHE D 167 -0.34 32.71 7.58
C PHE D 167 0.57 33.75 6.93
N ASN D 168 0.86 34.82 7.65
CA ASN D 168 1.81 35.84 7.21
C ASN D 168 3.05 35.71 8.08
N HIS D 169 4.21 35.51 7.43
CA HIS D 169 5.45 35.23 8.13
C HIS D 169 5.85 36.33 9.10
N SER D 170 5.28 37.53 8.95
CA SER D 170 5.59 38.63 9.86
C SER D 170 4.89 38.43 11.21
N ASP D 171 3.69 37.86 11.19
CA ASP D 171 2.94 37.60 12.43
C ASP D 171 3.50 36.39 13.17
N LEU D 172 3.78 35.32 12.44
CA LEU D 172 4.27 34.08 13.05
C LEU D 172 5.55 34.32 13.84
N ASP D 173 6.61 34.79 13.16
CA ASP D 173 7.87 35.10 13.83
C ASP D 173 7.65 36.06 15.00
N ALA D 174 6.78 37.05 14.83
CA ALA D 174 6.44 38.00 15.89
C ALA D 174 5.91 37.33 17.15
N GLU D 175 5.52 36.06 17.09
CA GLU D 175 4.86 35.37 18.18
C GLU D 175 5.68 34.21 18.74
N LEU D 176 6.22 33.37 17.86
CA LEU D 176 7.11 32.30 18.32
C LEU D 176 8.37 32.85 18.97
N ARG D 177 8.71 34.11 18.70
CA ARG D 177 9.78 34.79 19.43
C ARG D 177 9.24 35.40 20.72
N ARG D 178 8.02 35.92 20.69
CA ARG D 178 7.37 36.41 21.90
C ARG D 178 7.04 35.26 22.84
N LEU D 179 6.75 34.08 22.30
CA LEU D 179 6.39 32.94 23.13
C LEU D 179 7.61 32.44 23.90
N PHE D 180 8.66 32.03 23.19
CA PHE D 180 9.91 31.67 23.85
C PHE D 180 10.37 32.74 24.84
N ARG D 181 10.20 34.01 24.49
CA ARG D 181 10.64 35.11 25.35
C ARG D 181 9.97 35.05 26.72
N GLU D 182 8.64 35.16 26.74
CA GLU D 182 7.90 35.29 27.99
C GLU D 182 7.69 33.95 28.68
N ARG D 183 7.08 33.00 27.99
CA ARG D 183 6.65 31.76 28.62
C ARG D 183 7.84 30.88 28.99
N TYR D 184 8.65 30.52 28.00
CA TYR D 184 9.81 29.68 28.24
C TYR D 184 11.00 30.47 28.78
N ARG D 185 10.82 31.77 29.01
CA ARG D 185 11.80 32.63 29.66
C ARG D 185 13.20 32.46 29.04
N LEU D 186 13.25 32.52 27.72
CA LEU D 186 14.49 32.41 26.96
C LEU D 186 14.83 33.77 26.37
N HIS D 187 16.12 34.10 26.41
CA HIS D 187 16.57 35.42 26.00
C HIS D 187 16.49 35.54 24.48
N PRO D 188 15.83 36.61 23.96
CA PRO D 188 15.63 36.77 22.52
C PRO D 188 16.79 36.35 21.64
N LYS D 189 18.01 36.77 22.00
CA LYS D 189 19.19 36.63 21.15
C LYS D 189 19.55 35.19 20.86
N PHE D 190 18.82 34.23 21.43
CA PHE D 190 19.10 32.82 21.22
C PHE D 190 18.15 32.16 20.22
N VAL D 191 17.04 32.81 19.86
CA VAL D 191 16.19 32.34 18.78
C VAL D 191 16.86 32.76 17.47
N ALA D 192 17.58 31.84 16.83
CA ALA D 192 18.34 32.19 15.63
C ALA D 192 17.44 32.68 14.51
N ALA D 193 16.41 31.92 14.17
CA ALA D 193 15.53 32.29 13.06
C ALA D 193 14.19 31.63 13.21
N VAL D 194 13.18 32.20 12.54
CA VAL D 194 11.88 31.57 12.36
C VAL D 194 11.58 31.52 10.87
N HIS D 195 11.42 30.32 10.34
CA HIS D 195 11.11 30.07 8.94
C HIS D 195 9.63 29.73 8.77
N TYR D 196 9.17 29.73 7.52
CA TYR D 196 7.80 29.32 7.24
C TYR D 196 7.71 28.86 5.79
N GLU D 197 7.47 27.57 5.61
CA GLU D 197 7.16 26.97 4.31
C GLU D 197 5.92 26.09 4.44
N GLN D 198 5.57 25.35 3.38
CA GLN D 198 4.18 25.25 2.95
C GLN D 198 3.13 25.07 4.07
N PRO D 199 3.13 23.99 4.91
CA PRO D 199 2.64 24.18 6.29
C PRO D 199 3.72 24.42 7.34
N THR D 200 4.98 24.26 6.96
CA THR D 200 6.02 23.94 7.93
C THR D 200 6.59 25.19 8.60
N ILE D 201 6.93 25.06 9.89
CA ILE D 201 7.55 26.12 10.65
C ILE D 201 8.87 25.60 11.20
N GLN D 202 9.98 26.02 10.61
CA GLN D 202 11.31 25.87 11.22
C GLN D 202 11.54 26.93 12.29
N ILE D 203 11.93 26.49 13.49
CA ILE D 203 12.49 27.38 14.50
C ILE D 203 13.91 26.90 14.80
N GLU D 204 14.88 27.80 14.65
CA GLU D 204 16.25 27.52 15.02
C GLU D 204 16.58 28.17 16.36
N LEU D 205 17.40 27.51 17.15
CA LEU D 205 17.91 28.04 18.42
C LEU D 205 19.42 27.89 18.45
N ARG D 206 20.13 28.97 18.75
CA ARG D 206 21.58 28.91 18.95
C ARG D 206 21.93 29.36 20.36
N GLN D 207 22.77 28.56 21.03
CA GLN D 207 23.36 28.98 22.31
C GLN D 207 24.69 28.24 22.47
N ASN D 208 25.79 28.93 22.23
CA ASN D 208 27.11 28.39 22.54
C ASN D 208 27.41 28.54 24.02
N THR D 209 28.28 27.67 24.54
CA THR D 209 28.84 27.83 25.87
C THR D 209 29.29 29.27 26.13
N SER D 210 29.96 29.88 25.14
CA SER D 210 30.55 31.20 25.29
C SER D 210 29.52 32.33 25.40
N GLN D 211 28.24 32.04 25.22
CA GLN D 211 27.20 33.06 25.28
C GLN D 211 26.15 32.78 26.34
N LYS D 212 26.31 31.72 27.14
CA LYS D 212 25.32 31.30 28.12
C LYS D 212 25.80 31.76 29.50
N ALA D 213 25.21 32.86 29.96
CA ALA D 213 25.54 33.46 31.25
C ALA D 213 24.82 32.70 32.36
N ALA D 214 24.86 33.26 33.57
CA ALA D 214 24.35 32.58 34.75
C ALA D 214 22.87 32.87 34.94
N GLY D 215 22.12 31.83 35.28
CA GLY D 215 20.67 31.84 35.24
C GLY D 215 20.06 32.03 33.86
N ASP D 216 20.89 32.10 32.82
CA ASP D 216 20.39 31.98 31.45
C ASP D 216 19.84 30.58 31.23
N VAL D 217 18.54 30.50 30.94
CA VAL D 217 17.93 29.20 30.67
C VAL D 217 18.55 28.61 29.40
N ASP D 218 18.97 27.36 29.50
CA ASP D 218 19.51 26.65 28.34
C ASP D 218 18.43 26.49 27.27
N ILE D 219 18.88 26.35 26.03
CA ILE D 219 17.94 26.15 24.92
C ILE D 219 17.33 24.75 25.01
N GLY D 220 18.16 23.74 25.27
CA GLY D 220 17.71 22.37 25.51
C GLY D 220 16.52 22.27 26.44
N ASP D 221 16.48 23.14 27.45
CA ASP D 221 15.40 23.14 28.42
C ASP D 221 14.23 24.01 28.00
N ALA D 222 14.46 24.98 27.12
CA ALA D 222 13.36 25.68 26.47
C ALA D 222 12.77 24.86 25.34
N ALA D 223 13.63 24.26 24.51
CA ALA D 223 13.17 23.35 23.47
C ALA D 223 12.31 22.23 24.03
N TYR D 224 12.73 21.63 25.14
CA TYR D 224 11.97 20.53 25.73
C TYR D 224 10.62 21.02 26.25
N TYR D 225 10.63 22.06 27.08
CA TYR D 225 9.37 22.66 27.52
C TYR D 225 8.43 22.93 26.34
N PHE D 226 8.99 23.39 25.21
CA PHE D 226 8.16 23.69 24.05
C PHE D 226 7.43 22.46 23.53
N GLU D 227 8.19 21.44 23.10
CA GLU D 227 7.59 20.20 22.59
C GLU D 227 6.50 19.68 23.52
N ARG D 228 6.78 19.61 24.82
CA ARG D 228 5.80 19.13 25.79
C ARG D 228 4.49 19.92 25.71
N ASP D 229 4.57 21.21 25.38
CA ASP D 229 3.36 22.00 25.20
C ASP D 229 2.74 21.74 23.84
N ILE D 230 3.56 21.73 22.79
CA ILE D 230 3.19 21.34 21.44
C ILE D 230 2.37 20.05 21.45
N LYS D 231 2.81 19.08 22.24
CA LYS D 231 2.32 17.71 22.16
C LYS D 231 1.36 17.35 23.29
N GLY D 232 0.90 18.34 24.05
CA GLY D 232 -0.18 18.11 25.00
C GLY D 232 0.21 17.51 26.33
N GLU D 233 1.49 17.55 26.70
CA GLU D 233 1.94 17.18 28.03
C GLU D 233 2.65 18.36 28.69
N SER D 234 2.06 19.55 28.54
CA SER D 234 2.62 20.78 29.07
C SER D 234 3.02 20.63 30.53
N LEU D 235 4.17 21.21 30.87
CA LEU D 235 4.75 21.13 32.21
C LEU D 235 4.30 22.26 33.13
N PHE D 236 3.49 23.19 32.64
CA PHE D 236 3.08 24.34 33.42
C PHE D 236 1.78 24.06 34.16
N GLN D 237 1.65 24.65 35.35
CA GLN D 237 0.59 24.27 36.27
C GLN D 237 -0.79 24.52 35.68
N GLY D 238 -1.09 25.79 35.37
CA GLY D 238 -2.39 26.13 34.79
C GLY D 238 -2.71 25.35 33.53
N ARG D 239 -1.78 25.37 32.58
CA ARG D 239 -2.05 24.96 31.21
C ARG D 239 -1.91 23.45 31.04
N GLY D 240 -2.58 22.94 30.01
CA GLY D 240 -2.48 21.54 29.64
C GLY D 240 -1.83 21.39 28.28
N GLY D 241 -2.00 22.38 27.42
CA GLY D 241 -1.26 22.40 26.17
C GLY D 241 -0.75 23.78 25.80
N LEU D 242 -0.63 24.02 24.49
CA LEU D 242 -0.10 25.27 23.95
C LEU D 242 -1.14 25.92 23.04
N ASP D 243 -1.48 27.19 23.34
CA ASP D 243 -2.59 27.85 22.66
C ASP D 243 -2.23 28.33 21.25
N LEU D 244 -1.05 28.93 21.09
CA LEU D 244 -0.47 29.24 19.78
C LEU D 244 -1.46 29.90 18.83
N ARG D 245 -1.96 31.08 19.21
CA ARG D 245 -2.86 31.84 18.34
C ARG D 245 -2.06 32.95 17.69
N VAL D 246 -1.84 32.83 16.38
CA VAL D 246 -1.13 33.85 15.60
C VAL D 246 -2.18 34.81 15.05
N ARG D 247 -2.30 35.97 15.68
CA ARG D 247 -3.17 37.08 15.30
C ARG D 247 -4.62 36.77 15.62
N GLY D 248 -4.92 35.57 16.12
CA GLY D 248 -6.23 35.18 16.60
C GLY D 248 -6.62 33.78 16.14
N GLU D 249 -6.11 33.38 14.98
CA GLU D 249 -6.32 32.01 14.49
C GLU D 249 -5.51 31.02 15.30
N PRO D 250 -6.12 30.04 15.95
CA PRO D 250 -5.34 29.04 16.70
C PRO D 250 -4.49 28.17 15.77
N LEU D 251 -3.28 27.88 16.21
CA LEU D 251 -2.34 27.03 15.46
C LEU D 251 -2.21 25.67 16.14
N GLN D 252 -2.95 24.69 15.65
CA GLN D 252 -2.74 23.29 16.04
C GLN D 252 -1.66 22.68 15.17
N VAL D 253 -1.06 21.59 15.66
CA VAL D 253 0.22 21.08 15.15
C VAL D 253 0.15 19.56 15.06
N GLU D 254 0.07 19.02 13.84
CA GLU D 254 -0.02 17.58 13.67
C GLU D 254 1.32 16.88 13.90
N ARG D 255 2.42 17.48 13.43
CA ARG D 255 3.73 16.81 13.43
C ARG D 255 4.78 17.71 14.06
N THR D 256 5.72 17.10 14.80
CA THR D 256 6.88 17.81 15.31
C THR D 256 8.14 16.98 15.06
N LEU D 257 9.20 17.65 14.62
CA LEU D 257 10.53 17.05 14.48
C LEU D 257 11.56 18.00 15.08
N ILE D 258 12.45 17.47 15.93
CA ILE D 258 13.48 18.26 16.59
C ILE D 258 14.84 17.68 16.27
N TYR D 259 15.76 18.54 15.81
CA TYR D 259 17.11 18.15 15.39
C TYR D 259 18.15 18.86 16.25
N TYR D 260 19.05 18.09 16.85
CA TYR D 260 20.06 18.60 17.78
C TYR D 260 21.45 18.54 17.15
N LEU D 261 22.16 19.66 17.16
CA LEU D 261 23.52 19.76 16.67
C LEU D 261 24.47 20.03 17.82
N ASP D 262 25.55 19.24 17.90
CA ASP D 262 26.54 19.33 18.96
C ASP D 262 27.82 19.96 18.42
N GLU D 263 28.42 20.83 19.24
CA GLU D 263 29.72 21.45 18.94
C GLU D 263 30.71 20.44 18.39
N ILE D 264 30.78 19.26 19.01
CA ILE D 264 31.60 18.17 18.49
C ILE D 264 30.69 17.21 17.72
N PRO D 265 31.14 16.65 16.60
CA PRO D 265 30.27 15.78 15.80
C PRO D 265 30.27 14.36 16.35
N PRO D 266 29.14 13.66 16.27
CA PRO D 266 28.98 12.40 16.99
C PRO D 266 29.84 11.29 16.40
N LYS D 267 30.60 10.63 17.27
CA LYS D 267 31.47 9.53 16.87
C LYS D 267 30.65 8.24 16.85
N PHE D 268 30.12 7.91 15.68
CA PHE D 268 29.41 6.64 15.49
C PHE D 268 30.33 5.61 14.82
#